data_7X38
#
_entry.id   7X38
#
_cell.length_a   1.00
_cell.length_b   1.00
_cell.length_c   1.00
_cell.angle_alpha   90.00
_cell.angle_beta   90.00
_cell.angle_gamma   90.00
#
_symmetry.space_group_name_H-M   'P 1'
#
loop_
_entity.id
_entity.type
_entity.pdbx_description
1 polymer '8A10 light chain'
2 polymer '8A10 heavy chain'
3 polymer 'Virion protein 1'
4 polymer VP2
5 polymer VP3
#
loop_
_entity_poly.entity_id
_entity_poly.type
_entity_poly.pdbx_seq_one_letter_code
_entity_poly.pdbx_strand_id
1 'polypeptide(L)'
;DIQMTQTKSSLSASLGDRVTISCRASQDISNYLNWYQQKPDGSVKLLIYYTSTLHSGVPSRFSGSGSGTDYSLTINSLEQ
EDIATYFCQQGNTFPFTFGGGTKLEIRR
;
L
2 'polypeptide(L)'
;QVQLQQSAAELARPGASVKMSCKASGYTFTTYTMHWVKQRPGQGLEWIGYINPSSRYTEYNQKFKDKTTLTADKSSSTAY
MQLSSLTFEDSAVYYCARRSEADRFVYWGQGTLVTVSA
;
H
3 'polypeptide(L)'
;GPVEESVDRAVARVADTISSRPTNSESIPALTAAETGHTSQVVPSDTMQTRHVKNYHSRSESSIENFLCRSACVYYATYT
NNSKKGFAEWVINTRQVAQLRRKLELFTYLRFDLELTFVITSAQQPSTASSVDAPVQTHQIMYVPPGGPVPTKVKDYAWQ
TSTNPSVFWTEGNAPPRMSIPFISIGNAYSCFYDGWTQFSRNGVYGINTLNNMGTLYMRHVNEAGQGPIKSTVRIYFKPK
HVKAWVPRPPRLCQYEKQKNVNFSPIGVTTSRTDIITT
;
A
4 'polypeptide(L)'
;SPSAEECGYSDRVRSITLGNSTITTQECANVVVGYGVWPEYLKDNEATAEDQPTQPDVATCRFYTLESVQWMKNSAGWWW
KLPDALSQMGLFGQNMQYHYLGRTGYTIHVQCNASKFHQGCLLVVCVPEAEMGCSNLNNTPEFSELSGGDSARMFTDTQV
GESNAKKVQTAVWNAGMGVGVGNLTIFPHQWINLRTNNSATLVMPYINSVPMDNMFRHNNLTLMIIPFVPLNYSEGSSPY
VPITVTIAPMCAEYNGLRLASNQ
;
B
5 'polypeptide(L)'
;GLPVMTTPGSTQFLTSDDFQSPSAMPQFDVTPEMQIPGRVNNLMEIAEVDSVVPVNNTEDNVSSLKAYQIPVQSNSDNGK
QVFGFPLQPGANNVLNRTLLGEILNYYTHWSGSIKLTFMFCGSAMATGKFLLAYSPPGAGVPKNRKDAMLGTHVIWDVGL
QSSCVLCVPWISQTHYRYVVEDEYTAAGYVTCWYQTNIVVPADVQSSCDILCFVSACNDFSVRMLKDTPFIRQDTFYQ
;
C
#
# COMPACT_ATOMS: atom_id res chain seq x y z
N ASP A 1 12.57 -3.81 26.10
CA ASP A 1 12.40 -2.44 25.62
C ASP A 1 13.74 -1.79 25.32
N ILE A 2 13.69 -0.52 24.93
CA ILE A 2 14.87 0.31 24.73
C ILE A 2 14.72 1.53 25.61
N GLN A 3 15.68 1.75 26.49
CA GLN A 3 15.65 2.91 27.38
C GLN A 3 16.52 4.01 26.79
N MET A 4 15.90 5.08 26.33
CA MET A 4 16.62 6.21 25.75
C MET A 4 17.06 7.12 26.90
N THR A 5 18.34 7.44 26.94
CA THR A 5 18.91 8.21 28.05
C THR A 5 19.34 9.58 27.56
N GLN A 6 18.60 10.60 27.94
CA GLN A 6 19.02 11.98 27.79
C GLN A 6 19.57 12.39 29.16
N THR A 7 20.89 12.30 29.31
CA THR A 7 21.53 12.32 30.61
C THR A 7 21.52 13.68 31.29
N LYS A 8 21.37 14.77 30.54
CA LYS A 8 21.57 16.09 31.13
C LYS A 8 20.31 16.60 31.82
N SER A 9 19.20 16.65 31.07
CA SER A 9 17.85 17.10 31.47
C SER A 9 17.76 18.57 31.88
N SER A 10 18.85 19.34 31.75
CA SER A 10 18.86 20.78 31.97
C SER A 10 20.04 21.42 31.25
N LEU A 11 19.78 22.15 30.18
CA LEU A 11 20.81 22.90 29.48
C LEU A 11 20.71 24.38 29.83
N SER A 12 21.80 25.10 29.60
CA SER A 12 21.83 26.54 29.81
C SER A 12 22.83 27.17 28.85
N ALA A 13 22.36 28.16 28.08
CA ALA A 13 23.23 28.91 27.19
C ALA A 13 22.67 30.30 26.98
N SER A 14 23.46 31.14 26.30
CA SER A 14 23.01 32.48 25.93
C SER A 14 22.32 32.42 24.57
N LEU A 15 22.09 33.59 23.97
CA LEU A 15 21.50 33.65 22.65
C LEU A 15 22.59 33.83 21.59
N GLY A 16 22.48 33.06 20.51
CA GLY A 16 23.41 33.19 19.40
C GLY A 16 24.45 32.10 19.28
N ASP A 17 24.53 31.19 20.24
CA ASP A 17 25.57 30.18 20.25
C ASP A 17 25.00 28.81 19.84
N ARG A 18 25.87 27.81 19.85
CA ARG A 18 25.56 26.50 19.30
C ARG A 18 25.33 25.52 20.44
N VAL A 19 24.14 24.94 20.49
CA VAL A 19 23.74 24.03 21.56
C VAL A 19 23.49 22.65 20.98
N THR A 20 23.87 21.63 21.75
CA THR A 20 23.73 20.24 21.34
C THR A 20 23.07 19.46 22.46
N ILE A 21 21.93 18.84 22.16
CA ILE A 21 21.27 17.90 23.06
C ILE A 21 21.50 16.50 22.51
N SER A 22 21.87 15.57 23.39
CA SER A 22 22.26 14.23 22.99
C SER A 22 21.27 13.21 23.53
N CYS A 23 20.98 12.19 22.71
CA CYS A 23 20.10 11.09 23.08
C CYS A 23 20.88 9.81 22.86
N ARG A 24 20.98 8.98 23.89
CA ARG A 24 21.76 7.76 23.84
C ARG A 24 20.85 6.56 24.09
N ALA A 25 20.86 5.61 23.16
CA ALA A 25 19.91 4.51 23.19
C ALA A 25 20.45 3.38 24.06
N SER A 26 19.75 2.24 24.06
CA SER A 26 20.18 1.04 24.77
C SER A 26 20.77 0.01 23.82
N GLN A 27 20.42 0.09 22.54
CA GLN A 27 21.03 -0.75 21.52
C GLN A 27 20.97 -0.04 20.18
N ASP A 28 21.36 -0.74 19.11
CA ASP A 28 21.32 -0.15 17.78
C ASP A 28 19.87 -0.01 17.34
N ILE A 29 19.47 1.20 16.96
CA ILE A 29 18.10 1.44 16.52
C ILE A 29 18.02 1.80 15.05
N SER A 30 19.17 1.86 14.35
CA SER A 30 19.26 1.86 12.89
C SER A 30 18.56 3.05 12.24
N ASN A 31 18.95 4.24 12.69
CA ASN A 31 18.60 5.53 12.10
C ASN A 31 17.10 5.84 12.12
N TYR A 32 16.35 5.24 13.04
CA TYR A 32 14.93 5.54 13.19
C TYR A 32 14.76 6.32 14.48
N LEU A 33 14.94 7.63 14.40
CA LEU A 33 14.83 8.49 15.56
C LEU A 33 13.99 9.71 15.21
N ASN A 34 13.26 10.23 16.18
CA ASN A 34 12.47 11.43 15.99
C ASN A 34 12.70 12.38 17.15
N TRP A 35 12.69 13.67 16.85
CA TRP A 35 12.96 14.72 17.82
C TRP A 35 11.73 15.61 17.97
N TYR A 36 11.18 15.67 19.18
CA TYR A 36 10.00 16.48 19.45
C TYR A 36 10.33 17.64 20.35
N GLN A 37 9.46 18.65 20.34
CA GLN A 37 9.66 19.87 21.12
C GLN A 37 8.36 20.23 21.81
N GLN A 38 8.37 20.25 23.14
CA GLN A 38 7.19 20.59 23.92
C GLN A 38 7.36 21.99 24.49
N LYS A 39 6.53 22.92 24.04
CA LYS A 39 6.54 24.27 24.58
C LYS A 39 6.00 24.26 26.01
N PRO A 40 6.35 25.26 26.83
CA PRO A 40 5.88 25.28 28.23
C PRO A 40 4.38 25.43 28.39
N ASP A 41 3.66 26.02 27.44
CA ASP A 41 2.21 26.10 27.57
C ASP A 41 1.52 24.79 27.20
N GLY A 42 2.25 23.81 26.67
CA GLY A 42 1.72 22.48 26.47
C GLY A 42 1.78 21.96 25.04
N SER A 43 1.91 22.81 24.03
CA SER A 43 1.80 22.36 22.65
C SER A 43 3.05 21.60 22.20
N VAL A 44 2.85 20.39 21.73
CA VAL A 44 3.94 19.50 21.30
C VAL A 44 3.91 19.41 19.79
N LYS A 45 5.09 19.40 19.16
CA LYS A 45 5.16 19.20 17.73
C LYS A 45 6.47 18.53 17.35
N LEU A 46 6.48 17.98 16.14
CA LEU A 46 7.58 17.18 15.61
C LEU A 46 8.56 18.08 14.88
N LEU A 47 9.84 17.90 15.16
CA LEU A 47 10.89 18.71 14.53
C LEU A 47 11.60 17.95 13.43
N ILE A 48 12.14 16.78 13.73
CA ILE A 48 13.03 16.05 12.86
C ILE A 48 12.52 14.60 12.85
N TYR A 49 12.23 14.07 11.66
CA TYR A 49 11.58 12.77 11.60
C TYR A 49 12.49 11.64 11.11
N TYR A 50 13.79 11.83 11.18
CA TYR A 50 14.77 10.80 10.89
C TYR A 50 15.97 11.16 11.74
N THR A 51 17.17 10.71 11.39
CA THR A 51 18.32 11.30 12.05
C THR A 51 18.52 12.75 11.65
N SER A 52 18.31 13.09 10.39
CA SER A 52 18.85 14.35 9.92
C SER A 52 17.95 15.18 9.01
N THR A 53 16.70 14.81 8.78
CA THR A 53 15.85 15.60 7.90
C THR A 53 14.77 16.31 8.70
N LEU A 54 14.45 17.53 8.30
CA LEU A 54 13.58 18.40 9.05
C LEU A 54 12.13 18.21 8.64
N HIS A 55 11.22 18.54 9.55
CA HIS A 55 9.82 18.64 9.17
C HIS A 55 9.59 19.91 8.36
N SER A 56 8.56 19.88 7.51
CA SER A 56 8.24 21.04 6.70
C SER A 56 7.59 22.12 7.56
N GLY A 57 8.08 23.34 7.43
CA GLY A 57 7.62 24.45 8.24
C GLY A 57 8.47 24.75 9.44
N VAL A 58 9.47 23.93 9.73
CA VAL A 58 10.40 24.16 10.83
C VAL A 58 11.63 24.85 10.25
N PRO A 59 12.11 25.95 10.84
CA PRO A 59 13.20 26.72 10.23
C PRO A 59 14.52 25.95 10.20
N SER A 60 15.46 26.46 9.41
CA SER A 60 16.70 25.76 9.13
C SER A 60 17.77 25.98 10.19
N ARG A 61 17.42 26.38 11.41
CA ARG A 61 18.42 26.46 12.46
C ARG A 61 18.60 25.14 13.19
N PHE A 62 17.75 24.16 12.92
CA PHE A 62 17.85 22.85 13.54
C PHE A 62 18.56 21.87 12.63
N SER A 63 19.27 20.92 13.23
CA SER A 63 19.93 19.86 12.49
C SER A 63 20.20 18.70 13.43
N GLY A 64 20.20 17.48 12.88
CA GLY A 64 20.46 16.31 13.66
C GLY A 64 21.56 15.47 13.02
N SER A 65 22.03 14.48 13.79
CA SER A 65 23.12 13.62 13.37
C SER A 65 23.06 12.33 14.19
N GLY A 66 23.99 11.43 13.92
CA GLY A 66 24.10 10.23 14.71
C GLY A 66 24.22 8.95 13.91
N SER A 67 24.63 7.87 14.57
CA SER A 67 24.72 6.56 13.97
C SER A 67 24.77 5.53 15.08
N GLY A 68 24.08 4.41 14.88
CA GLY A 68 24.11 3.34 15.86
C GLY A 68 23.32 3.65 17.11
N THR A 69 24.01 3.85 18.22
CA THR A 69 23.37 4.10 19.50
C THR A 69 23.31 5.58 19.85
N ASP A 70 24.36 6.34 19.55
CA ASP A 70 24.48 7.72 19.98
C ASP A 70 23.94 8.68 18.92
N TYR A 71 23.14 9.64 19.37
CA TYR A 71 22.48 10.59 18.47
C TYR A 71 22.53 11.98 19.10
N SER A 72 22.29 12.99 18.26
CA SER A 72 22.49 14.37 18.69
C SER A 72 21.59 15.31 17.92
N LEU A 73 21.28 16.44 18.55
CA LEU A 73 20.55 17.55 17.94
C LEU A 73 21.48 18.75 17.93
N THR A 74 21.21 19.73 17.09
CA THR A 74 22.01 20.95 17.04
C THR A 74 21.11 22.14 16.67
N ILE A 75 21.20 23.20 17.44
CA ILE A 75 20.59 24.50 17.12
C ILE A 75 21.74 25.50 17.05
N ASN A 76 21.98 26.07 15.88
CA ASN A 76 23.17 26.88 15.70
C ASN A 76 23.02 28.31 16.18
N SER A 77 21.83 28.90 16.08
CA SER A 77 21.58 30.27 16.54
C SER A 77 20.34 30.22 17.43
N LEU A 78 20.56 30.19 18.74
CA LEU A 78 19.48 30.06 19.71
C LEU A 78 18.67 31.36 19.75
N GLU A 79 17.36 31.24 19.65
CA GLU A 79 16.45 32.38 19.64
C GLU A 79 15.58 32.34 20.89
N GLN A 80 14.68 33.31 21.01
CA GLN A 80 13.84 33.37 22.20
C GLN A 80 12.79 32.26 22.21
N GLU A 81 12.20 31.97 21.05
CA GLU A 81 11.11 31.01 20.95
C GLU A 81 11.56 29.56 21.12
N ASP A 82 12.86 29.28 21.16
CA ASP A 82 13.36 27.92 21.23
C ASP A 82 13.50 27.40 22.65
N ILE A 83 13.09 28.17 23.65
CA ILE A 83 13.18 27.75 25.04
C ILE A 83 12.00 26.82 25.31
N ALA A 84 12.24 25.52 25.24
CA ALA A 84 11.18 24.53 25.42
C ALA A 84 11.83 23.25 25.95
N THR A 85 11.06 22.16 25.96
CA THR A 85 11.52 20.86 26.41
C THR A 85 11.61 19.93 25.21
N TYR A 86 12.59 19.03 25.21
CA TYR A 86 12.91 18.21 24.06
C TYR A 86 12.94 16.73 24.43
N PHE A 87 12.46 15.89 23.53
CA PHE A 87 12.41 14.45 23.72
C PHE A 87 12.91 13.73 22.46
N CYS A 88 13.39 12.51 22.65
CA CYS A 88 13.75 11.63 21.53
C CYS A 88 12.94 10.36 21.63
N GLN A 89 12.57 9.80 20.49
CA GLN A 89 11.74 8.60 20.42
C GLN A 89 12.20 7.72 19.27
N GLN A 90 12.45 6.45 19.55
CA GLN A 90 12.83 5.50 18.51
C GLN A 90 11.60 4.87 17.89
N GLY A 91 11.74 4.41 16.66
CA GLY A 91 10.63 3.78 15.98
C GLY A 91 11.00 2.43 15.41
N ASN A 92 11.86 1.70 16.12
CA ASN A 92 12.36 0.42 15.62
C ASN A 92 11.54 -0.75 16.14
N THR A 93 11.49 -0.92 17.46
CA THR A 93 10.79 -2.05 18.05
C THR A 93 9.50 -1.57 18.71
N PHE A 94 8.81 -2.51 19.36
CA PHE A 94 7.55 -2.34 20.05
C PHE A 94 7.75 -2.56 21.55
N PRO A 95 7.19 -1.69 22.41
CA PRO A 95 6.40 -0.50 22.09
C PRO A 95 7.27 0.73 21.89
N PHE A 96 6.66 1.84 21.50
CA PHE A 96 7.40 3.08 21.30
C PHE A 96 7.85 3.64 22.64
N THR A 97 9.13 3.99 22.74
CA THR A 97 9.72 4.51 23.96
C THR A 97 10.20 5.93 23.72
N PHE A 98 9.92 6.81 24.66
CA PHE A 98 10.33 8.20 24.58
C PHE A 98 11.49 8.45 25.54
N GLY A 99 12.32 9.41 25.20
CA GLY A 99 13.40 9.80 26.08
C GLY A 99 12.93 10.76 27.15
N GLY A 100 13.82 11.05 28.09
CA GLY A 100 13.54 12.05 29.09
C GLY A 100 13.58 13.44 28.50
N GLY A 101 12.98 14.38 29.22
CA GLY A 101 12.96 15.75 28.77
C GLY A 101 14.30 16.43 28.93
N THR A 102 14.40 17.61 28.32
CA THR A 102 15.56 18.47 28.50
C THR A 102 15.10 19.91 28.42
N LYS A 103 15.15 20.61 29.55
CA LYS A 103 14.73 21.99 29.63
C LYS A 103 15.91 22.92 29.39
N LEU A 104 15.69 23.95 28.58
CA LEU A 104 16.69 24.97 28.35
C LEU A 104 16.43 26.17 29.25
N GLU A 105 17.47 26.97 29.48
CA GLU A 105 17.32 28.21 30.23
C GLU A 105 18.41 29.18 29.77
N ILE A 106 18.09 30.46 29.81
CA ILE A 106 19.06 31.52 29.55
C ILE A 106 20.07 31.54 30.68
N ARG A 107 21.35 31.69 30.32
CA ARG A 107 22.44 31.50 31.29
C ARG A 107 22.51 32.63 32.32
N ARG A 108 22.77 33.85 31.86
CA ARG A 108 22.85 34.98 32.78
C ARG A 108 21.86 36.07 32.36
N VAL B 2 -8.08 20.59 10.61
CA VAL B 2 -6.73 20.08 10.44
C VAL B 2 -6.10 19.78 11.80
N GLN B 3 -6.85 20.05 12.86
CA GLN B 3 -6.38 19.97 14.23
C GLN B 3 -7.27 19.06 15.07
N LEU B 4 -6.76 18.71 16.25
CA LEU B 4 -7.49 17.86 17.20
C LEU B 4 -7.93 18.68 18.40
N GLN B 5 -8.95 18.20 19.09
CA GLN B 5 -9.48 18.86 20.28
C GLN B 5 -9.75 17.80 21.33
N GLN B 6 -9.35 18.06 22.56
CA GLN B 6 -9.60 17.16 23.67
C GLN B 6 -10.68 17.74 24.59
N SER B 7 -10.94 17.03 25.68
CA SER B 7 -11.91 17.49 26.67
C SER B 7 -11.21 18.39 27.67
N ALA B 8 -11.90 18.73 28.76
CA ALA B 8 -11.32 19.59 29.77
C ALA B 8 -10.77 18.76 30.91
N ALA B 9 -10.00 19.42 31.78
CA ALA B 9 -9.39 18.76 32.92
C ALA B 9 -10.45 18.41 33.96
N GLU B 10 -10.25 17.29 34.65
CA GLU B 10 -11.25 16.76 35.55
C GLU B 10 -10.64 16.42 36.91
N LEU B 11 -11.46 15.83 37.77
CA LEU B 11 -11.10 15.51 39.14
C LEU B 11 -11.90 14.29 39.58
N ALA B 12 -11.26 13.35 40.26
CA ALA B 12 -11.95 12.15 40.69
C ALA B 12 -11.29 11.58 41.94
N ARG B 13 -12.07 10.80 42.67
CA ARG B 13 -11.60 10.11 43.86
C ARG B 13 -10.89 8.82 43.47
N PRO B 14 -9.90 8.39 44.25
CA PRO B 14 -9.21 7.13 43.94
C PRO B 14 -10.14 5.94 44.14
N GLY B 15 -10.28 5.14 43.08
CA GLY B 15 -11.24 4.07 43.02
C GLY B 15 -12.33 4.25 41.99
N ALA B 16 -12.55 5.49 41.53
CA ALA B 16 -13.60 5.79 40.57
C ALA B 16 -13.03 5.72 39.14
N SER B 17 -13.81 6.21 38.17
CA SER B 17 -13.44 6.11 36.77
C SER B 17 -13.52 7.47 36.10
N VAL B 18 -12.54 7.73 35.23
CA VAL B 18 -12.48 8.94 34.43
C VAL B 18 -12.54 8.52 32.96
N LYS B 19 -13.21 9.32 32.14
CA LYS B 19 -13.29 9.06 30.71
C LYS B 19 -13.04 10.35 29.95
N MET B 20 -12.01 10.36 29.12
CA MET B 20 -11.65 11.53 28.34
C MET B 20 -12.18 11.39 26.91
N SER B 21 -11.89 12.40 26.09
CA SER B 21 -12.26 12.39 24.69
C SER B 21 -11.16 13.09 23.91
N CYS B 22 -11.14 12.86 22.60
CA CYS B 22 -10.18 13.52 21.72
C CYS B 22 -10.85 13.64 20.34
N LYS B 23 -11.50 14.77 20.10
CA LYS B 23 -12.29 14.92 18.88
C LYS B 23 -11.41 15.41 17.74
N ALA B 24 -11.39 14.66 16.65
CA ALA B 24 -10.59 15.00 15.48
C ALA B 24 -11.47 15.67 14.43
N SER B 25 -10.88 16.62 13.71
CA SER B 25 -11.59 17.29 12.64
C SER B 25 -10.60 17.74 11.59
N GLY B 26 -11.03 17.69 10.32
CA GLY B 26 -10.21 18.13 9.22
C GLY B 26 -9.78 17.05 8.25
N TYR B 27 -10.14 15.79 8.49
CA TYR B 27 -9.71 14.71 7.63
C TYR B 27 -10.67 13.54 7.77
N THR B 28 -10.41 12.50 6.98
CA THR B 28 -11.16 11.26 7.09
C THR B 28 -10.74 10.53 8.35
N PHE B 29 -11.64 10.48 9.34
CA PHE B 29 -11.29 10.04 10.67
C PHE B 29 -10.95 8.55 10.71
N THR B 30 -11.55 7.75 9.83
CA THR B 30 -11.39 6.31 9.85
C THR B 30 -10.27 5.82 8.96
N THR B 31 -9.23 6.62 8.78
CA THR B 31 -8.04 6.20 8.04
C THR B 31 -6.83 6.00 8.93
N TYR B 32 -6.51 6.97 9.76
CA TYR B 32 -5.29 6.97 10.56
C TYR B 32 -5.61 6.50 11.97
N THR B 33 -4.66 5.82 12.58
CA THR B 33 -4.85 5.34 13.95
C THR B 33 -4.53 6.44 14.94
N MET B 34 -5.29 6.45 16.04
CA MET B 34 -5.17 7.46 17.08
C MET B 34 -4.53 6.82 18.30
N HIS B 35 -3.56 7.51 18.88
CA HIS B 35 -2.77 6.99 19.98
C HIS B 35 -3.04 7.75 21.26
N TRP B 36 -2.39 7.33 22.34
CA TRP B 36 -2.55 7.96 23.65
C TRP B 36 -1.23 7.89 24.40
N VAL B 37 -0.72 9.06 24.81
CA VAL B 37 0.57 9.16 25.49
C VAL B 37 0.35 9.84 26.83
N LYS B 38 0.98 9.31 27.88
CA LYS B 38 0.83 9.81 29.24
C LYS B 38 2.12 10.50 29.68
N GLN B 39 1.99 11.72 30.19
CA GLN B 39 3.14 12.48 30.69
C GLN B 39 2.99 12.70 32.18
N ARG B 40 3.66 11.86 32.97
CA ARG B 40 3.83 12.15 34.38
C ARG B 40 4.78 13.35 34.52
N PRO B 41 4.52 14.26 35.47
CA PRO B 41 5.35 15.47 35.57
C PRO B 41 6.79 15.24 36.01
N GLY B 42 7.13 14.06 36.51
CA GLY B 42 8.49 13.82 36.96
C GLY B 42 9.41 13.29 35.88
N GLN B 43 8.85 12.52 34.95
CA GLN B 43 9.65 11.84 33.94
C GLN B 43 9.17 12.21 32.53
N GLY B 44 9.66 11.50 31.53
CA GLY B 44 9.27 11.71 30.15
C GLY B 44 7.93 11.08 29.82
N LEU B 45 7.65 11.03 28.53
CA LEU B 45 6.37 10.51 28.06
C LEU B 45 6.34 8.99 28.17
N GLU B 46 5.13 8.45 28.31
CA GLU B 46 4.94 7.01 28.36
C GLU B 46 3.82 6.61 27.42
N TRP B 47 4.03 5.54 26.66
CA TRP B 47 3.07 5.07 25.69
C TRP B 47 1.98 4.24 26.35
N ILE B 48 0.76 4.39 25.88
CA ILE B 48 -0.39 3.65 26.42
C ILE B 48 -0.92 2.65 25.40
N GLY B 49 -1.34 3.13 24.24
CA GLY B 49 -1.87 2.24 23.23
C GLY B 49 -2.48 3.04 22.11
N TYR B 50 -3.13 2.32 21.20
CA TYR B 50 -3.74 2.92 20.04
C TYR B 50 -5.01 2.16 19.70
N ILE B 51 -5.79 2.72 18.78
CA ILE B 51 -7.01 2.10 18.32
C ILE B 51 -7.14 2.30 16.82
N ASN B 52 -7.30 1.21 16.08
CA ASN B 52 -7.56 1.28 14.66
C ASN B 52 -9.04 1.58 14.49
N PRO B 53 -9.43 2.79 14.06
CA PRO B 53 -10.84 3.15 14.09
C PRO B 53 -11.69 2.42 13.08
N SER B 54 -11.10 1.94 11.99
CA SER B 54 -11.87 1.30 10.94
C SER B 54 -12.28 -0.12 11.30
N SER B 55 -11.72 -0.67 12.37
CA SER B 55 -12.03 -2.03 12.79
C SER B 55 -12.21 -2.17 14.30
N ARG B 56 -12.00 -1.08 15.05
CA ARG B 56 -12.09 -1.04 16.52
C ARG B 56 -11.16 -2.05 17.17
N TYR B 57 -9.97 -2.22 16.60
CA TYR B 57 -8.96 -3.11 17.14
C TYR B 57 -7.94 -2.30 17.92
N THR B 58 -7.85 -2.57 19.22
CA THR B 58 -6.94 -1.85 20.11
C THR B 58 -5.85 -2.78 20.59
N GLU B 59 -4.69 -2.20 20.90
CA GLU B 59 -3.53 -2.95 21.36
C GLU B 59 -2.76 -2.11 22.34
N TYR B 60 -2.67 -2.56 23.58
CA TYR B 60 -2.13 -1.78 24.67
C TYR B 60 -0.72 -2.20 25.02
N ASN B 61 0.05 -1.23 25.53
CA ASN B 61 1.31 -1.52 26.19
C ASN B 61 1.05 -2.36 27.44
N GLN B 62 2.01 -3.21 27.78
CA GLN B 62 1.82 -4.15 28.86
C GLN B 62 1.73 -3.48 30.23
N LYS B 63 2.25 -2.26 30.34
CA LYS B 63 2.22 -1.56 31.62
C LYS B 63 0.84 -0.96 31.92
N PHE B 64 -0.02 -0.85 30.93
CA PHE B 64 -1.34 -0.25 31.09
C PHE B 64 -2.46 -1.13 30.52
N LYS B 65 -2.28 -2.45 30.53
CA LYS B 65 -3.21 -3.32 29.81
C LYS B 65 -4.51 -3.52 30.58
N ASP B 66 -4.43 -3.68 31.90
CA ASP B 66 -5.58 -4.11 32.70
C ASP B 66 -6.56 -2.99 33.00
N LYS B 67 -6.26 -1.74 32.64
CA LYS B 67 -7.09 -0.62 33.05
C LYS B 67 -7.73 0.13 31.89
N THR B 68 -6.94 0.57 30.91
CA THR B 68 -7.46 1.46 29.89
C THR B 68 -8.30 0.72 28.86
N THR B 69 -9.32 1.40 28.37
CA THR B 69 -10.18 0.88 27.32
C THR B 69 -10.41 1.99 26.30
N LEU B 70 -9.77 1.88 25.14
CA LEU B 70 -9.89 2.88 24.09
C LEU B 70 -11.04 2.50 23.18
N THR B 71 -12.05 3.35 23.10
CA THR B 71 -13.15 3.18 22.17
C THR B 71 -13.15 4.33 21.18
N ALA B 72 -14.01 4.22 20.17
CA ALA B 72 -14.16 5.28 19.18
C ALA B 72 -15.55 5.19 18.58
N ASP B 73 -15.99 6.30 18.00
CA ASP B 73 -17.27 6.35 17.32
C ASP B 73 -17.11 7.11 16.02
N LYS B 74 -17.80 6.64 14.99
CA LYS B 74 -17.61 7.17 13.65
C LYS B 74 -18.47 8.40 13.41
N SER B 75 -19.54 8.56 14.18
CA SER B 75 -20.51 9.62 13.93
C SER B 75 -19.95 10.98 14.32
N SER B 76 -19.64 11.15 15.60
CA SER B 76 -19.09 12.41 16.07
C SER B 76 -17.59 12.55 15.81
N SER B 77 -16.96 11.50 15.27
CA SER B 77 -15.54 11.46 14.91
C SER B 77 -14.64 11.75 16.10
N THR B 78 -14.96 11.15 17.24
CA THR B 78 -14.18 11.29 18.46
C THR B 78 -13.56 9.95 18.84
N ALA B 79 -12.73 10.00 19.88
CA ALA B 79 -12.05 8.81 20.39
C ALA B 79 -11.90 9.00 21.90
N TYR B 80 -12.14 7.94 22.66
CA TYR B 80 -12.15 8.04 24.11
C TYR B 80 -11.10 7.17 24.76
N MET B 81 -10.91 7.36 26.06
CA MET B 81 -10.08 6.50 26.91
C MET B 81 -10.65 6.52 28.31
N GLN B 82 -10.84 5.35 28.91
CA GLN B 82 -11.43 5.23 30.23
C GLN B 82 -10.40 4.67 31.20
N LEU B 83 -10.18 5.37 32.30
CA LEU B 83 -9.23 4.95 33.33
C LEU B 83 -9.99 4.41 34.53
N SER B 84 -9.85 3.13 34.80
CA SER B 84 -10.48 2.49 35.93
C SER B 84 -9.45 2.24 37.01
N SER B 85 -9.91 2.24 38.27
CA SER B 85 -9.11 1.98 39.47
C SER B 85 -7.95 2.97 39.59
N LEU B 86 -8.30 4.23 39.80
CA LEU B 86 -7.30 5.28 39.95
C LEU B 86 -6.50 5.08 41.23
N THR B 87 -5.22 5.44 41.17
CA THR B 87 -4.30 5.42 42.30
C THR B 87 -3.57 6.77 42.27
N PHE B 88 -2.70 7.00 43.25
CA PHE B 88 -1.95 8.25 43.35
C PHE B 88 -0.92 8.41 42.23
N GLU B 89 -0.54 7.32 41.56
CA GLU B 89 0.39 7.39 40.44
C GLU B 89 -0.30 7.72 39.13
N ASP B 90 -1.63 7.76 39.11
CA ASP B 90 -2.38 8.05 37.90
C ASP B 90 -2.72 9.52 37.75
N SER B 91 -1.88 10.41 38.28
CA SER B 91 -2.06 11.85 38.12
C SER B 91 -1.02 12.34 37.12
N ALA B 92 -1.45 12.65 35.91
CA ALA B 92 -0.52 13.00 34.84
C ALA B 92 -1.24 13.88 33.83
N VAL B 93 -0.59 14.10 32.69
CA VAL B 93 -1.19 14.80 31.56
C VAL B 93 -1.26 13.81 30.41
N TYR B 94 -2.43 13.71 29.78
CA TYR B 94 -2.68 12.73 28.74
C TYR B 94 -2.84 13.46 27.41
N TYR B 95 -2.11 13.00 26.40
CA TYR B 95 -2.21 13.51 25.04
C TYR B 95 -2.81 12.45 24.13
N CYS B 96 -3.32 12.90 22.99
CA CYS B 96 -3.69 12.01 21.90
C CYS B 96 -2.94 12.43 20.65
N ALA B 97 -2.33 11.47 19.97
CA ALA B 97 -1.56 11.74 18.77
C ALA B 97 -2.21 11.02 17.60
N ARG B 98 -1.68 11.28 16.40
CA ARG B 98 -2.11 10.63 15.18
C ARG B 98 -0.89 10.11 14.46
N ARG B 99 -0.56 8.84 14.65
CA ARG B 99 0.62 8.23 14.08
C ARG B 99 0.46 8.14 12.57
N SER B 100 1.42 8.67 11.85
CA SER B 100 1.43 8.60 10.40
C SER B 100 2.85 8.27 9.94
N GLU B 101 2.93 7.61 8.78
CA GLU B 101 4.17 7.07 8.22
C GLU B 101 4.88 6.10 9.17
N ALA B 102 4.10 5.39 9.98
CA ALA B 102 4.43 4.22 10.78
C ALA B 102 5.31 4.46 12.01
N ASP B 103 5.88 5.64 12.16
CA ASP B 103 6.53 5.99 13.42
C ASP B 103 6.34 7.43 13.85
N ARG B 104 5.89 8.32 12.97
CA ARG B 104 5.96 9.76 13.21
C ARG B 104 4.64 10.31 13.69
N PHE B 105 4.64 10.91 14.87
CA PHE B 105 3.45 11.54 15.42
C PHE B 105 3.43 12.99 14.94
N VAL B 106 2.65 13.25 13.90
CA VAL B 106 2.69 14.57 13.28
C VAL B 106 1.79 15.55 14.03
N TYR B 107 0.58 15.15 14.37
CA TYR B 107 -0.38 16.03 15.00
C TYR B 107 -0.67 15.56 16.42
N TRP B 108 -0.61 16.48 17.37
CA TRP B 108 -0.85 16.20 18.77
C TRP B 108 -2.03 17.02 19.27
N GLY B 109 -2.52 16.66 20.45
CA GLY B 109 -3.54 17.43 21.13
C GLY B 109 -2.94 18.42 22.11
N GLN B 110 -3.83 19.06 22.87
CA GLN B 110 -3.39 20.04 23.85
C GLN B 110 -3.21 19.45 25.24
N GLY B 111 -3.70 18.25 25.50
CA GLY B 111 -3.46 17.60 26.77
C GLY B 111 -4.46 17.96 27.84
N THR B 112 -4.95 16.96 28.57
CA THR B 112 -5.85 17.16 29.70
C THR B 112 -5.19 16.68 30.97
N LEU B 113 -5.31 17.48 32.03
CA LEU B 113 -4.70 17.18 33.32
C LEU B 113 -5.70 16.43 34.18
N VAL B 114 -5.36 15.21 34.55
CA VAL B 114 -6.18 14.40 35.45
C VAL B 114 -5.46 14.33 36.79
N THR B 115 -6.16 14.71 37.85
CA THR B 115 -5.63 14.63 39.20
C THR B 115 -6.54 13.78 40.07
N VAL B 116 -5.94 13.11 41.05
CA VAL B 116 -6.67 12.31 42.02
C VAL B 116 -6.49 12.93 43.40
N SER B 117 -7.61 13.11 44.10
CA SER B 117 -7.58 13.78 45.40
C SER B 117 -8.81 13.35 46.18
N ALA B 118 -9.01 13.97 47.34
CA ALA B 118 -10.14 13.68 48.21
C ALA B 118 -10.80 14.96 48.71
N SER C 58 -9.95 12.05 -26.81
CA SER C 58 -10.57 11.64 -25.56
C SER C 58 -10.34 10.14 -25.56
N ARG C 59 -10.01 9.61 -26.73
CA ARG C 59 -9.55 8.24 -26.91
C ARG C 59 -8.06 7.74 -26.52
N SER C 60 -7.17 8.69 -26.80
CA SER C 60 -5.80 8.65 -26.33
C SER C 60 -5.32 9.24 -25.03
N GLU C 61 -6.21 9.83 -24.23
CA GLU C 61 -5.84 10.38 -22.94
C GLU C 61 -5.52 9.29 -21.93
N SER C 62 -6.08 8.11 -22.10
CA SER C 62 -5.92 7.01 -21.16
C SER C 62 -4.84 6.03 -21.57
N SER C 63 -3.96 6.38 -22.50
CA SER C 63 -2.89 5.49 -22.88
C SER C 63 -1.81 5.49 -21.80
N ILE C 64 -0.80 4.64 -21.98
CA ILE C 64 0.23 4.52 -20.96
C ILE C 64 1.17 5.72 -20.97
N GLU C 65 1.59 6.15 -22.16
CA GLU C 65 2.49 7.30 -22.27
C GLU C 65 1.80 8.60 -21.85
N ASN C 66 0.50 8.69 -22.04
CA ASN C 66 -0.22 9.87 -21.55
C ASN C 66 -0.53 9.80 -20.06
N PHE C 67 -0.25 8.68 -19.41
CA PHE C 67 -0.52 8.49 -18.00
C PHE C 67 0.71 8.69 -17.14
N LEU C 68 1.87 8.23 -17.60
CA LEU C 68 3.06 8.17 -16.77
C LEU C 68 4.13 9.18 -17.16
N CYS C 69 4.16 9.65 -18.41
CA CYS C 69 5.17 10.60 -18.84
C CYS C 69 4.75 12.00 -18.38
N ARG C 70 4.87 12.21 -17.07
CA ARG C 70 4.65 13.50 -16.43
C ARG C 70 5.85 13.78 -15.53
N SER C 71 6.18 15.05 -15.36
CA SER C 71 7.30 15.43 -14.51
C SER C 71 6.81 15.58 -13.08
N ALA C 72 7.70 15.25 -12.13
CA ALA C 72 7.32 15.24 -10.73
C ALA C 72 8.55 15.46 -9.87
N CYS C 73 8.42 16.35 -8.88
CA CYS C 73 9.50 16.61 -7.94
C CYS C 73 9.60 15.45 -6.98
N VAL C 74 10.80 14.88 -6.86
CA VAL C 74 10.98 13.67 -6.07
C VAL C 74 11.94 13.85 -4.90
N TYR C 75 12.77 14.90 -4.91
CA TYR C 75 13.71 15.09 -3.82
C TYR C 75 14.01 16.57 -3.68
N TYR C 76 14.43 16.95 -2.48
CA TYR C 76 14.66 18.36 -2.15
C TYR C 76 15.61 18.41 -0.98
N ALA C 77 16.81 18.94 -1.18
CA ALA C 77 17.81 19.02 -0.12
C ALA C 77 18.65 20.26 -0.29
N THR C 78 19.25 20.68 0.82
CA THR C 78 20.12 21.85 0.85
C THR C 78 21.53 21.44 1.25
N TYR C 79 22.50 22.31 0.95
CA TYR C 79 23.88 22.06 1.30
C TYR C 79 24.70 23.34 1.37
N THR C 80 25.51 23.47 2.41
CA THR C 80 26.44 24.58 2.55
C THR C 80 27.86 24.23 2.13
N ASN C 81 28.68 25.25 1.88
CA ASN C 81 29.95 25.05 1.18
C ASN C 81 31.07 24.83 2.19
N ASN C 82 31.13 25.62 3.25
CA ASN C 82 32.28 25.61 4.14
C ASN C 82 32.12 24.67 5.32
N SER C 83 30.99 23.97 5.43
CA SER C 83 30.66 23.28 6.66
C SER C 83 31.45 21.99 6.86
N LYS C 84 31.97 21.38 5.79
CA LYS C 84 32.54 20.04 5.73
C LYS C 84 31.55 18.99 6.22
N LYS C 85 30.27 19.28 6.03
CA LYS C 85 29.18 18.32 6.17
C LYS C 85 28.12 18.53 5.10
N GLY C 86 28.16 19.67 4.39
CA GLY C 86 27.20 19.98 3.36
C GLY C 86 27.56 19.51 1.97
N PHE C 87 26.88 18.45 1.55
CA PHE C 87 26.85 17.96 0.17
C PHE C 87 25.69 16.97 0.09
N ALA C 88 24.99 16.97 -1.04
CA ALA C 88 23.73 16.27 -1.14
C ALA C 88 23.93 14.83 -1.63
N GLU C 89 22.88 14.03 -1.48
CA GLU C 89 22.94 12.61 -1.80
C GLU C 89 21.52 12.09 -1.93
N TRP C 90 21.24 11.38 -3.02
CA TRP C 90 19.91 10.81 -3.24
C TRP C 90 20.03 9.58 -4.11
N VAL C 91 19.54 8.45 -3.63
CA VAL C 91 19.49 7.23 -4.43
C VAL C 91 18.24 7.25 -5.29
N ILE C 92 18.39 6.89 -6.56
CA ILE C 92 17.30 7.06 -7.52
C ILE C 92 16.29 5.95 -7.31
N ASN C 93 15.15 6.28 -6.69
CA ASN C 93 14.02 5.37 -6.63
C ASN C 93 12.73 6.17 -6.52
N THR C 94 11.63 5.54 -6.92
CA THR C 94 10.36 6.21 -7.01
C THR C 94 9.49 5.96 -5.79
N ARG C 95 10.05 5.43 -4.71
CA ARG C 95 9.29 4.98 -3.56
C ARG C 95 9.27 6.00 -2.43
N GLN C 96 9.53 7.27 -2.72
CA GLN C 96 9.50 8.27 -1.66
C GLN C 96 8.19 9.06 -1.66
N VAL C 97 7.70 9.42 -2.83
CA VAL C 97 6.51 10.25 -2.94
C VAL C 97 5.31 9.37 -3.26
N ALA C 98 4.20 9.62 -2.56
CA ALA C 98 3.03 8.75 -2.59
C ALA C 98 2.20 8.88 -3.87
N GLN C 99 2.25 10.00 -4.56
CA GLN C 99 1.43 10.15 -5.76
C GLN C 99 2.08 9.58 -7.00
N LEU C 100 3.41 9.48 -7.03
CA LEU C 100 4.07 8.81 -8.14
C LEU C 100 4.16 7.31 -7.91
N ARG C 101 4.22 6.90 -6.64
CA ARG C 101 4.36 5.48 -6.32
C ARG C 101 3.10 4.71 -6.64
N ARG C 102 1.93 5.34 -6.51
CA ARG C 102 0.69 4.63 -6.75
C ARG C 102 0.44 4.41 -8.23
N LYS C 103 1.01 5.24 -9.09
CA LYS C 103 0.81 5.05 -10.51
C LYS C 103 1.74 3.98 -11.05
N LEU C 104 2.96 3.91 -10.54
CA LEU C 104 3.88 2.88 -11.00
C LEU C 104 3.58 1.51 -10.42
N GLU C 105 2.81 1.44 -9.33
CA GLU C 105 2.49 0.17 -8.70
C GLU C 105 1.17 -0.41 -9.19
N LEU C 106 0.67 0.08 -10.31
CA LEU C 106 -0.41 -0.62 -11.00
C LEU C 106 0.11 -1.76 -11.85
N PHE C 107 1.41 -1.84 -12.07
CA PHE C 107 2.00 -2.81 -12.96
C PHE C 107 3.16 -3.48 -12.25
N THR C 108 3.40 -4.74 -12.60
CA THR C 108 4.47 -5.49 -11.95
C THR C 108 5.83 -5.21 -12.58
N TYR C 109 5.90 -5.15 -13.89
CA TYR C 109 7.17 -4.97 -14.59
C TYR C 109 7.10 -3.72 -15.45
N LEU C 110 8.03 -2.80 -15.23
CA LEU C 110 8.13 -1.58 -16.01
C LEU C 110 9.50 -1.51 -16.67
N ARG C 111 9.57 -0.73 -17.74
CA ARG C 111 10.83 -0.53 -18.46
C ARG C 111 10.75 0.83 -19.12
N PHE C 112 11.58 1.77 -18.65
CA PHE C 112 11.48 3.14 -19.12
C PHE C 112 12.86 3.77 -19.14
N ASP C 113 13.02 4.78 -19.98
CA ASP C 113 14.20 5.63 -19.93
C ASP C 113 14.04 6.61 -18.78
N LEU C 114 15.09 7.34 -18.45
CA LEU C 114 15.01 8.25 -17.33
C LEU C 114 15.54 9.61 -17.74
N GLU C 115 15.00 10.66 -17.13
CA GLU C 115 15.31 12.03 -17.53
C GLU C 115 15.16 12.92 -16.32
N LEU C 116 16.23 13.59 -15.92
CA LEU C 116 16.26 14.35 -14.68
C LEU C 116 16.58 15.80 -14.99
N THR C 117 16.05 16.71 -14.18
CA THR C 117 16.32 18.14 -14.30
C THR C 117 16.45 18.73 -12.91
N PHE C 118 17.43 19.60 -12.72
CA PHE C 118 17.83 20.09 -11.41
C PHE C 118 17.66 21.60 -11.35
N VAL C 119 16.85 22.07 -10.41
CA VAL C 119 16.63 23.49 -10.21
C VAL C 119 17.40 23.89 -8.98
N ILE C 120 18.53 24.56 -9.16
CA ILE C 120 19.43 24.93 -8.07
C ILE C 120 19.36 26.43 -7.88
N THR C 121 19.11 26.85 -6.65
CA THR C 121 19.16 28.25 -6.26
C THR C 121 20.22 28.42 -5.19
N SER C 122 20.27 29.60 -4.60
CA SER C 122 21.26 29.90 -3.58
C SER C 122 20.72 30.90 -2.58
N ALA C 123 21.52 31.18 -1.55
CA ALA C 123 21.17 32.15 -0.52
C ALA C 123 22.46 32.68 0.09
N GLN C 124 22.41 33.89 0.62
CA GLN C 124 23.56 34.50 1.27
C GLN C 124 23.40 34.40 2.77
N GLN C 125 24.04 33.40 3.37
CA GLN C 125 24.00 33.23 4.81
C GLN C 125 24.82 34.33 5.48
N PRO C 126 24.41 34.79 6.68
CA PRO C 126 25.04 35.98 7.29
C PRO C 126 26.50 35.81 7.66
N SER C 127 27.35 36.64 7.05
CA SER C 127 28.79 36.66 7.29
C SER C 127 29.10 37.67 8.40
N THR C 128 30.38 38.02 8.54
CA THR C 128 30.75 39.00 9.56
C THR C 128 30.53 40.44 9.08
N ALA C 129 31.30 40.90 8.09
CA ALA C 129 31.31 42.30 7.68
C ALA C 129 32.14 42.45 6.40
N SER C 130 32.34 43.71 5.99
CA SER C 130 33.37 44.16 5.05
C SER C 130 33.19 43.62 3.63
N SER C 131 32.09 44.07 3.00
CA SER C 131 31.94 44.13 1.55
C SER C 131 32.02 42.76 0.87
N VAL C 132 30.97 41.95 1.13
CA VAL C 132 30.81 40.70 0.41
C VAL C 132 30.50 40.99 -1.05
N ASP C 133 31.37 40.52 -1.94
CA ASP C 133 31.13 40.56 -3.38
C ASP C 133 31.68 39.23 -3.90
N ALA C 134 30.82 38.41 -4.49
CA ALA C 134 31.27 37.11 -4.94
C ALA C 134 31.01 36.92 -6.42
N PRO C 135 31.86 36.17 -7.11
CA PRO C 135 31.55 35.78 -8.49
C PRO C 135 30.49 34.70 -8.56
N VAL C 136 30.16 34.25 -9.78
CA VAL C 136 29.11 33.25 -9.96
C VAL C 136 29.58 31.90 -9.45
N GLN C 137 28.62 31.09 -9.01
CA GLN C 137 28.91 29.81 -8.39
C GLN C 137 28.71 28.68 -9.39
N THR C 138 29.56 27.67 -9.30
CA THR C 138 29.51 26.51 -10.17
C THR C 138 29.29 25.28 -9.31
N HIS C 139 28.35 24.43 -9.74
CA HIS C 139 27.98 23.23 -9.01
C HIS C 139 28.36 22.00 -9.81
N GLN C 140 28.56 20.89 -9.12
CA GLN C 140 28.86 19.61 -9.76
C GLN C 140 27.82 18.60 -9.34
N ILE C 141 27.27 17.87 -10.31
CA ILE C 141 26.23 16.88 -10.07
C ILE C 141 26.77 15.54 -10.57
N MET C 142 27.28 14.72 -9.66
CA MET C 142 27.91 13.47 -10.04
C MET C 142 26.92 12.32 -10.00
N TYR C 143 26.90 11.53 -11.06
CA TYR C 143 26.06 10.35 -11.14
C TYR C 143 26.93 9.12 -10.93
N VAL C 144 26.57 8.28 -9.97
CA VAL C 144 27.30 7.06 -9.67
C VAL C 144 26.52 5.89 -10.21
N PRO C 145 27.01 5.17 -11.22
CA PRO C 145 26.32 3.99 -11.72
C PRO C 145 26.30 2.90 -10.68
N PRO C 146 25.34 1.96 -10.76
CA PRO C 146 25.22 0.94 -9.71
C PRO C 146 26.40 -0.01 -9.67
N GLY C 147 27.15 0.05 -8.58
CA GLY C 147 28.40 -0.67 -8.46
C GLY C 147 29.58 0.24 -8.72
N GLY C 148 29.57 1.42 -8.11
CA GLY C 148 30.65 2.37 -8.28
C GLY C 148 31.12 2.91 -6.94
N PRO C 149 32.23 3.66 -6.95
CA PRO C 149 32.69 4.30 -5.72
C PRO C 149 31.77 5.43 -5.29
N VAL C 150 31.80 5.72 -4.00
CA VAL C 150 30.85 6.61 -3.34
C VAL C 150 31.60 7.53 -2.40
N PRO C 151 31.37 8.84 -2.43
CA PRO C 151 32.11 9.74 -1.55
C PRO C 151 31.64 9.63 -0.11
N THR C 152 32.57 9.90 0.81
CA THR C 152 32.27 9.98 2.23
C THR C 152 32.41 11.38 2.79
N LYS C 153 33.22 12.23 2.17
CA LYS C 153 33.34 13.63 2.51
C LYS C 153 33.12 14.46 1.26
N VAL C 154 33.25 15.78 1.40
CA VAL C 154 33.16 16.63 0.22
C VAL C 154 34.44 16.55 -0.60
N LYS C 155 35.61 16.56 0.03
CA LYS C 155 36.89 16.45 -0.64
C LYS C 155 37.31 14.99 -0.60
N ASP C 156 37.28 14.34 -1.77
CA ASP C 156 37.45 12.90 -1.83
C ASP C 156 37.88 12.51 -3.22
N TYR C 157 38.54 11.35 -3.33
CA TYR C 157 38.99 10.86 -4.62
C TYR C 157 37.87 10.24 -5.43
N ALA C 158 36.71 10.00 -4.84
CA ALA C 158 35.61 9.38 -5.56
C ALA C 158 34.85 10.37 -6.43
N TRP C 159 35.12 11.66 -6.28
CA TRP C 159 34.55 12.64 -7.20
C TRP C 159 35.27 12.65 -8.53
N GLN C 160 36.58 12.44 -8.51
CA GLN C 160 37.43 12.63 -9.67
C GLN C 160 37.53 11.39 -10.54
N THR C 161 36.77 10.34 -10.25
CA THR C 161 36.91 9.12 -11.04
C THR C 161 36.26 9.29 -12.40
N SER C 162 36.87 8.62 -13.38
CA SER C 162 36.55 8.87 -14.78
C SER C 162 35.32 8.14 -15.27
N THR C 163 34.81 7.18 -14.50
CA THR C 163 33.65 6.42 -14.92
C THR C 163 32.37 6.88 -14.27
N ASN C 164 32.42 7.94 -13.47
CA ASN C 164 31.22 8.54 -12.88
C ASN C 164 30.93 9.83 -13.63
N PRO C 165 30.00 9.85 -14.59
CA PRO C 165 29.78 11.05 -15.39
C PRO C 165 29.11 12.14 -14.58
N SER C 166 29.60 13.37 -14.74
CA SER C 166 29.14 14.50 -13.96
C SER C 166 28.82 15.67 -14.89
N VAL C 167 27.99 16.58 -14.41
CA VAL C 167 27.72 17.81 -15.15
C VAL C 167 28.14 18.98 -14.28
N PHE C 168 28.61 20.03 -14.94
CA PHE C 168 28.98 21.28 -14.29
C PHE C 168 28.06 22.37 -14.83
N TRP C 169 27.75 23.34 -13.99
CA TRP C 169 26.75 24.35 -14.34
C TRP C 169 26.95 25.57 -13.47
N THR C 170 26.94 26.74 -14.08
CA THR C 170 27.05 28.00 -13.35
C THR C 170 25.69 28.66 -13.19
N GLU C 171 25.57 29.52 -12.20
CA GLU C 171 24.30 30.17 -11.91
C GLU C 171 23.95 31.19 -12.98
N GLY C 172 22.68 31.19 -13.39
CA GLY C 172 22.18 32.16 -14.32
C GLY C 172 21.90 31.64 -15.72
N ASN C 173 21.78 30.33 -15.90
CA ASN C 173 21.55 29.73 -17.21
C ASN C 173 20.32 28.83 -17.13
N ALA C 174 20.12 28.05 -18.19
CA ALA C 174 19.08 27.04 -18.18
C ALA C 174 19.49 25.90 -17.24
N PRO C 175 18.53 25.24 -16.60
CA PRO C 175 18.88 24.21 -15.62
C PRO C 175 19.47 22.98 -16.29
N PRO C 176 20.32 22.24 -15.58
CA PRO C 176 21.09 21.15 -16.22
C PRO C 176 20.38 19.82 -16.39
N ARG C 177 19.68 19.62 -17.51
CA ARG C 177 19.11 18.31 -17.80
C ARG C 177 20.19 17.28 -18.13
N MET C 178 19.89 16.02 -17.80
CA MET C 178 20.66 14.86 -18.23
C MET C 178 19.73 13.67 -18.28
N SER C 179 20.06 12.68 -19.11
CA SER C 179 19.16 11.57 -19.37
C SER C 179 19.88 10.25 -19.23
N ILE C 180 19.22 9.27 -18.61
CA ILE C 180 19.82 7.97 -18.30
C ILE C 180 18.96 6.91 -18.97
N PRO C 181 19.54 6.01 -19.76
CA PRO C 181 18.75 4.96 -20.42
C PRO C 181 18.34 3.87 -19.44
N PHE C 182 17.77 2.80 -19.99
CA PHE C 182 17.33 1.67 -19.18
C PHE C 182 18.56 0.90 -18.71
N ILE C 183 18.98 1.16 -17.48
CA ILE C 183 20.17 0.53 -16.92
C ILE C 183 19.75 -0.52 -15.92
N SER C 184 19.88 -1.78 -16.33
CA SER C 184 19.56 -2.96 -15.52
C SER C 184 20.11 -4.17 -16.24
N ILE C 185 20.39 -5.22 -15.47
CA ILE C 185 20.84 -6.47 -16.07
C ILE C 185 19.65 -7.29 -16.56
N GLY C 186 18.51 -7.16 -15.91
CA GLY C 186 17.30 -7.83 -16.33
C GLY C 186 16.67 -7.19 -17.54
N ASN C 187 15.40 -7.47 -17.72
CA ASN C 187 14.66 -6.93 -18.86
C ASN C 187 13.54 -5.99 -18.44
N ALA C 188 13.31 -5.80 -17.15
CA ALA C 188 12.27 -4.92 -16.66
C ALA C 188 12.55 -4.59 -15.20
N TYR C 189 12.20 -3.36 -14.82
CA TYR C 189 12.19 -3.05 -13.41
C TYR C 189 10.99 -3.73 -12.74
N SER C 190 11.25 -4.39 -11.62
CA SER C 190 10.22 -5.16 -10.94
C SER C 190 9.77 -4.38 -9.72
N CYS C 191 8.53 -3.88 -9.75
CA CYS C 191 8.03 -3.11 -8.64
C CYS C 191 7.69 -3.97 -7.43
N PHE C 192 7.40 -5.25 -7.66
CA PHE C 192 7.06 -6.19 -6.59
C PHE C 192 7.89 -7.45 -6.76
N TYR C 193 8.57 -7.87 -5.70
CA TYR C 193 9.50 -8.99 -5.76
C TYR C 193 9.26 -9.88 -4.55
N ASP C 194 8.60 -11.01 -4.73
CA ASP C 194 8.31 -11.95 -3.65
C ASP C 194 9.48 -12.92 -3.52
N GLY C 195 10.44 -12.56 -2.67
CA GLY C 195 11.59 -13.40 -2.48
C GLY C 195 12.66 -12.66 -1.72
N TRP C 196 13.84 -13.25 -1.72
CA TRP C 196 15.00 -12.70 -1.04
C TRP C 196 16.06 -12.31 -2.05
N THR C 197 17.09 -11.62 -1.57
CA THR C 197 18.13 -11.13 -2.46
C THR C 197 19.09 -12.22 -2.90
N VAL C 204 17.67 -10.57 2.78
CA VAL C 204 16.68 -9.62 3.25
C VAL C 204 15.48 -9.63 2.30
N TYR C 205 14.28 -9.59 2.88
CA TYR C 205 13.07 -9.96 2.16
C TYR C 205 12.59 -8.84 1.25
N GLY C 206 12.31 -9.18 -0.01
CA GLY C 206 11.68 -8.30 -0.96
C GLY C 206 12.48 -7.07 -1.33
N ILE C 207 13.75 -7.25 -1.68
CA ILE C 207 14.63 -6.13 -1.98
C ILE C 207 15.00 -6.09 -3.46
N ASN C 208 15.55 -7.19 -4.00
CA ASN C 208 15.91 -7.33 -5.41
C ASN C 208 16.89 -6.26 -5.89
N THR C 209 18.17 -6.39 -5.55
CA THR C 209 19.20 -5.45 -6.00
C THR C 209 19.41 -5.37 -7.53
N LEU C 210 18.68 -6.15 -8.31
CA LEU C 210 18.78 -6.10 -9.76
C LEU C 210 18.15 -4.87 -10.36
N ASN C 211 17.19 -4.23 -9.70
CA ASN C 211 16.70 -2.93 -10.18
C ASN C 211 17.25 -1.83 -9.26
N ASN C 212 18.48 -1.44 -9.54
CA ASN C 212 19.17 -0.39 -8.80
C ASN C 212 19.66 0.59 -9.85
N MET C 213 19.18 1.83 -9.78
CA MET C 213 19.40 2.78 -10.87
C MET C 213 20.57 3.71 -10.64
N GLY C 214 21.10 3.79 -9.44
CA GLY C 214 22.27 4.62 -9.23
C GLY C 214 22.08 5.66 -8.15
N THR C 215 23.05 6.56 -7.98
CA THR C 215 23.02 7.53 -6.91
C THR C 215 23.54 8.86 -7.44
N LEU C 216 23.03 9.96 -6.90
CA LEU C 216 23.41 11.30 -7.32
C LEU C 216 24.00 12.07 -6.15
N TYR C 217 25.11 12.76 -6.40
CA TYR C 217 25.76 13.58 -5.38
C TYR C 217 26.01 14.97 -5.93
N MET C 218 25.88 15.98 -5.08
CA MET C 218 25.98 17.36 -5.48
C MET C 218 26.85 18.14 -4.52
N ARG C 219 27.63 19.09 -5.04
CA ARG C 219 28.51 19.92 -4.22
C ARG C 219 28.88 21.17 -4.99
N HIS C 220 29.34 22.18 -4.26
CA HIS C 220 29.98 23.34 -4.85
C HIS C 220 31.38 22.98 -5.31
N VAL C 221 31.87 23.68 -6.33
CA VAL C 221 33.28 23.58 -6.69
C VAL C 221 34.05 24.86 -6.39
N ASN C 222 33.36 25.96 -6.11
CA ASN C 222 33.98 27.22 -5.77
C ASN C 222 34.38 27.23 -4.32
N GLU C 223 35.64 27.52 -4.04
CA GLU C 223 36.08 27.78 -2.68
C GLU C 223 35.69 29.20 -2.31
N ALA C 224 35.03 29.37 -1.17
CA ALA C 224 34.48 30.67 -0.81
C ALA C 224 35.14 31.15 0.47
N GLY C 225 35.43 32.45 0.51
CA GLY C 225 36.19 32.98 1.64
C GLY C 225 35.45 33.94 2.55
N GLN C 226 34.57 34.77 1.99
CA GLN C 226 34.02 35.86 2.79
C GLN C 226 32.59 35.61 3.25
N GLY C 227 31.82 34.81 2.52
CA GLY C 227 30.44 34.60 2.87
C GLY C 227 30.00 33.17 2.71
N PRO C 228 29.36 32.63 3.74
CA PRO C 228 28.74 31.31 3.59
C PRO C 228 27.53 31.38 2.68
N ILE C 229 27.38 30.37 1.85
CA ILE C 229 26.30 30.31 0.86
C ILE C 229 25.70 28.91 0.94
N LYS C 230 24.40 28.83 1.19
CA LYS C 230 23.71 27.56 1.12
C LYS C 230 22.83 27.53 -0.13
N SER C 231 22.70 26.33 -0.69
CA SER C 231 22.08 26.13 -1.99
C SER C 231 21.13 24.96 -1.92
N THR C 232 19.98 25.08 -2.56
CA THR C 232 18.98 24.03 -2.53
C THR C 232 18.61 23.55 -3.93
N VAL C 233 18.50 22.24 -4.06
CA VAL C 233 18.33 21.60 -5.35
C VAL C 233 17.07 20.76 -5.34
N ARG C 234 16.24 20.92 -6.34
CA ARG C 234 15.01 20.15 -6.51
C ARG C 234 15.14 19.33 -7.78
N ILE C 235 14.87 18.04 -7.68
CA ILE C 235 15.10 17.11 -8.77
C ILE C 235 13.75 16.73 -9.36
N TYR C 236 13.61 16.87 -10.68
CA TYR C 236 12.38 16.52 -11.37
C TYR C 236 12.58 15.25 -12.17
N PHE C 237 11.55 14.41 -12.21
CA PHE C 237 11.67 13.00 -12.56
C PHE C 237 10.67 12.69 -13.65
N LYS C 238 11.14 12.14 -14.75
CA LYS C 238 10.22 11.93 -15.86
C LYS C 238 10.52 10.62 -16.58
N PRO C 239 9.60 9.66 -16.56
CA PRO C 239 9.80 8.45 -17.35
C PRO C 239 9.64 8.76 -18.83
N LYS C 240 10.27 7.93 -19.66
CA LYS C 240 10.18 8.12 -21.09
C LYS C 240 10.13 6.77 -21.78
N HIS C 241 9.25 6.65 -22.77
CA HIS C 241 9.02 5.44 -23.56
C HIS C 241 8.69 4.25 -22.65
N VAL C 242 7.57 4.37 -21.98
CA VAL C 242 7.20 3.45 -20.92
C VAL C 242 6.61 2.20 -21.52
N LYS C 243 7.01 1.04 -21.01
CA LYS C 243 6.36 -0.22 -21.28
C LYS C 243 5.93 -0.82 -19.95
N ALA C 244 4.74 -1.39 -19.90
CA ALA C 244 4.21 -1.93 -18.66
C ALA C 244 3.61 -3.30 -18.90
N TRP C 245 3.86 -4.21 -17.98
CA TRP C 245 3.36 -5.57 -18.06
C TRP C 245 2.68 -5.94 -16.74
N VAL C 246 1.74 -6.89 -16.85
CA VAL C 246 1.06 -7.57 -15.73
C VAL C 246 0.39 -6.56 -14.80
N PRO C 247 -0.80 -6.06 -15.15
CA PRO C 247 -1.49 -5.12 -14.27
C PRO C 247 -1.88 -5.74 -12.93
N ARG C 248 -2.21 -4.87 -11.98
CA ARG C 248 -2.23 -5.18 -10.56
C ARG C 248 -3.26 -4.23 -9.94
N PRO C 249 -3.94 -4.63 -8.86
CA PRO C 249 -4.96 -3.74 -8.30
C PRO C 249 -4.32 -2.54 -7.62
N PRO C 250 -5.05 -1.43 -7.52
CA PRO C 250 -4.46 -0.23 -6.89
C PRO C 250 -4.52 -0.33 -5.38
N ARG C 251 -3.53 0.30 -4.74
CA ARG C 251 -3.35 0.24 -3.30
C ARG C 251 -4.52 0.90 -2.58
N LEU C 252 -4.95 0.29 -1.47
CA LEU C 252 -6.07 0.80 -0.68
C LEU C 252 -5.61 1.40 0.64
N CYS C 253 -4.78 0.69 1.39
CA CYS C 253 -4.27 1.22 2.64
C CYS C 253 -3.21 2.28 2.39
N GLN C 254 -2.83 2.98 3.45
CA GLN C 254 -1.82 4.01 3.32
C GLN C 254 -0.43 3.39 3.30
N TYR C 255 0.50 4.08 2.64
CA TYR C 255 1.88 3.63 2.64
C TYR C 255 2.52 3.96 3.98
N GLU C 256 3.31 3.02 4.48
CA GLU C 256 3.95 3.19 5.77
C GLU C 256 5.47 3.32 5.64
N LYS C 257 6.12 2.38 4.97
CA LYS C 257 7.55 2.43 4.80
C LYS C 257 7.89 2.49 3.32
N GLN C 258 9.18 2.65 3.04
CA GLN C 258 9.67 2.81 1.69
C GLN C 258 10.08 1.49 1.07
N LYS C 259 10.86 0.69 1.79
CA LYS C 259 11.47 -0.50 1.18
C LYS C 259 10.47 -1.62 0.98
N ASN C 260 9.59 -1.86 1.94
CA ASN C 260 8.69 -3.00 1.92
C ASN C 260 7.26 -2.55 1.69
N VAL C 261 6.34 -3.50 1.81
CA VAL C 261 4.95 -3.29 1.41
C VAL C 261 4.05 -3.40 2.64
N ASN C 262 4.63 -3.15 3.82
CA ASN C 262 3.91 -3.31 5.08
C ASN C 262 2.81 -2.27 5.22
N PHE C 263 1.80 -2.61 6.01
CA PHE C 263 0.61 -1.78 6.12
C PHE C 263 -0.04 -2.04 7.46
N SER C 264 -1.14 -1.33 7.72
CA SER C 264 -2.07 -1.62 8.78
C SER C 264 -3.47 -1.71 8.20
N PRO C 265 -4.28 -2.66 8.63
CA PRO C 265 -5.51 -2.97 7.90
C PRO C 265 -6.56 -1.90 8.05
N ILE C 266 -7.33 -1.71 6.97
CA ILE C 266 -8.27 -0.61 6.83
C ILE C 266 -9.56 -1.19 6.26
N GLY C 267 -10.63 -0.40 6.36
CA GLY C 267 -11.90 -0.83 5.83
C GLY C 267 -11.92 -0.85 4.31
N VAL C 268 -12.93 -1.52 3.77
CA VAL C 268 -13.02 -1.69 2.33
C VAL C 268 -13.43 -0.38 1.66
N THR C 269 -14.36 0.36 2.27
CA THR C 269 -14.88 1.58 1.69
C THR C 269 -15.42 2.47 2.79
N THR C 270 -15.96 3.62 2.37
CA THR C 270 -16.71 4.46 3.30
C THR C 270 -18.09 3.88 3.52
N SER C 271 -18.55 3.92 4.76
CA SER C 271 -19.74 3.23 5.18
C SER C 271 -20.97 4.10 5.02
N ARG C 272 -22.14 3.48 5.13
CA ARG C 272 -23.43 4.16 5.14
C ARG C 272 -24.33 3.52 6.17
N THR C 273 -25.57 4.01 6.26
CA THR C 273 -26.45 3.63 7.35
C THR C 273 -27.30 2.41 7.04
N ASP C 274 -27.74 2.24 5.80
CA ASP C 274 -28.66 1.17 5.46
C ASP C 274 -28.33 0.66 4.07
N ILE C 275 -28.71 -0.59 3.81
CA ILE C 275 -28.49 -1.14 2.49
C ILE C 275 -29.56 -0.66 1.51
N ILE C 276 -30.78 -0.43 1.97
CA ILE C 276 -31.80 0.19 1.16
C ILE C 276 -31.53 1.69 1.05
N ARG D 14 -11.80 -36.67 -20.78
CA ARG D 14 -11.90 -37.32 -19.48
C ARG D 14 -10.81 -38.37 -19.33
N SER D 15 -10.38 -38.56 -18.08
CA SER D 15 -9.36 -39.53 -17.68
C SER D 15 -8.05 -39.31 -18.43
N ILE D 16 -7.46 -38.15 -18.21
CA ILE D 16 -6.17 -37.83 -18.78
C ILE D 16 -5.08 -38.43 -17.90
N THR D 17 -3.91 -38.69 -18.48
CA THR D 17 -2.82 -39.30 -17.76
C THR D 17 -1.52 -38.59 -18.10
N LEU D 18 -0.54 -38.71 -17.20
CA LEU D 18 0.74 -38.04 -17.34
C LEU D 18 1.77 -38.81 -16.53
N GLY D 19 2.57 -39.62 -17.21
CA GLY D 19 3.54 -40.45 -16.52
C GLY D 19 2.87 -41.61 -15.83
N ASN D 20 3.02 -41.71 -14.52
CA ASN D 20 2.38 -42.74 -13.73
C ASN D 20 1.36 -42.15 -12.77
N SER D 21 0.60 -41.17 -13.26
CA SER D 21 -0.47 -40.55 -12.50
C SER D 21 -1.64 -40.27 -13.42
N THR D 22 -2.86 -40.50 -12.94
CA THR D 22 -4.04 -40.39 -13.77
C THR D 22 -5.19 -39.79 -12.99
N ILE D 23 -5.69 -38.64 -13.45
CA ILE D 23 -6.88 -38.01 -12.88
C ILE D 23 -7.96 -37.99 -13.95
N THR D 24 -9.19 -37.70 -13.54
CA THR D 24 -10.32 -37.59 -14.46
C THR D 24 -11.06 -36.28 -14.23
N THR D 25 -11.42 -35.62 -15.33
CA THR D 25 -12.19 -34.38 -15.30
C THR D 25 -13.45 -34.56 -16.13
N GLN D 26 -14.11 -33.47 -16.51
CA GLN D 26 -15.22 -33.55 -17.44
C GLN D 26 -14.76 -33.33 -18.88
N ASN D 30 -14.49 -25.93 -18.72
CA ASN D 30 -13.88 -24.76 -19.34
C ASN D 30 -12.60 -24.35 -18.61
N VAL D 31 -11.59 -23.98 -19.38
CA VAL D 31 -10.24 -23.71 -18.87
C VAL D 31 -9.88 -22.26 -19.18
N VAL D 32 -9.53 -21.51 -18.15
CA VAL D 32 -9.03 -20.14 -18.31
C VAL D 32 -7.51 -20.20 -18.36
N VAL D 33 -6.94 -19.63 -19.41
CA VAL D 33 -5.52 -19.75 -19.69
C VAL D 33 -4.85 -18.38 -19.55
N GLY D 34 -3.98 -18.27 -18.54
CA GLY D 34 -2.99 -17.24 -18.33
C GLY D 34 -3.30 -15.81 -18.69
N TYR D 35 -2.48 -15.24 -19.58
CA TYR D 35 -2.77 -13.99 -20.23
C TYR D 35 -2.99 -14.16 -21.72
N GLY D 36 -3.64 -15.24 -22.11
CA GLY D 36 -3.84 -15.56 -23.51
C GLY D 36 -2.72 -16.35 -24.15
N VAL D 37 -1.62 -16.59 -23.42
CA VAL D 37 -0.48 -17.28 -23.98
C VAL D 37 -0.38 -18.66 -23.35
N TRP D 38 0.21 -19.55 -24.05
CA TRP D 38 0.44 -20.93 -23.72
C TRP D 38 1.89 -21.11 -23.27
N PRO D 39 2.15 -22.01 -22.31
CA PRO D 39 3.53 -22.28 -21.89
C PRO D 39 4.34 -22.93 -23.01
N GLU D 40 5.44 -22.28 -23.38
CA GLU D 40 6.33 -22.74 -24.44
C GLU D 40 7.75 -22.72 -23.91
N TYR D 41 8.64 -23.44 -24.58
CA TYR D 41 10.05 -23.50 -24.22
C TYR D 41 10.74 -22.17 -24.55
N LEU D 42 12.00 -22.06 -24.12
CA LEU D 42 12.76 -20.81 -24.18
C LEU D 42 13.01 -20.28 -25.59
N ASP D 51 24.39 -20.73 -20.48
CA ASP D 51 24.99 -21.73 -21.36
C ASP D 51 23.92 -22.45 -22.18
N GLN D 52 24.15 -23.73 -22.51
CA GLN D 52 23.14 -24.52 -23.19
C GLN D 52 22.35 -25.35 -22.19
N PRO D 53 21.07 -25.06 -21.98
CA PRO D 53 20.28 -25.81 -21.00
C PRO D 53 19.57 -26.93 -21.75
N THR D 54 19.41 -28.04 -21.06
CA THR D 54 18.66 -29.19 -21.56
C THR D 54 17.45 -29.38 -20.67
N GLN D 55 16.48 -30.17 -21.11
CA GLN D 55 15.22 -30.33 -20.38
C GLN D 55 14.97 -31.72 -19.78
N PRO D 56 14.35 -31.80 -18.60
CA PRO D 56 13.80 -33.08 -18.15
C PRO D 56 12.34 -33.24 -18.56
N ASP D 57 11.97 -34.39 -19.09
CA ASP D 57 10.59 -34.56 -19.54
C ASP D 57 9.95 -35.81 -18.97
N VAL D 58 10.68 -36.93 -18.92
CA VAL D 58 10.07 -38.16 -18.42
C VAL D 58 10.01 -38.19 -16.90
N ALA D 59 10.98 -37.58 -16.22
CA ALA D 59 11.07 -37.74 -14.78
C ALA D 59 10.13 -36.81 -14.02
N THR D 60 9.53 -35.84 -14.71
CA THR D 60 8.89 -34.74 -14.00
C THR D 60 7.38 -34.64 -14.18
N CYS D 61 6.87 -34.68 -15.42
CA CYS D 61 5.48 -34.25 -15.66
C CYS D 61 4.51 -35.32 -15.16
N ARG D 62 3.96 -35.05 -13.98
CA ARG D 62 2.95 -35.89 -13.38
C ARG D 62 2.18 -35.02 -12.40
N PHE D 63 0.98 -35.47 -12.06
CA PHE D 63 0.08 -34.68 -11.25
C PHE D 63 0.44 -34.83 -9.78
N TYR D 64 1.10 -33.82 -9.23
CA TYR D 64 1.42 -33.79 -7.81
C TYR D 64 0.19 -33.28 -7.07
N THR D 65 -0.38 -34.13 -6.23
CA THR D 65 -1.63 -33.82 -5.54
C THR D 65 -1.32 -33.44 -4.10
N LEU D 66 -1.56 -32.19 -3.75
CA LEU D 66 -1.47 -31.78 -2.36
C LEU D 66 -2.66 -32.34 -1.59
N GLU D 67 -2.50 -32.42 -0.27
CA GLU D 67 -3.59 -32.96 0.54
C GLU D 67 -4.72 -31.94 0.66
N SER D 68 -5.90 -32.45 1.01
CA SER D 68 -7.11 -31.65 0.93
C SER D 68 -7.30 -30.85 2.21
N VAL D 69 -7.86 -29.67 2.05
CA VAL D 69 -8.23 -28.82 3.17
C VAL D 69 -9.74 -28.88 3.34
N GLN D 70 -10.19 -28.62 4.56
CA GLN D 70 -11.60 -28.74 4.89
C GLN D 70 -12.23 -27.37 4.99
N TRP D 71 -13.21 -27.11 4.14
CA TRP D 71 -13.92 -25.83 4.09
C TRP D 71 -15.04 -25.89 5.12
N MET D 72 -14.83 -25.29 6.26
CA MET D 72 -15.84 -25.27 7.32
C MET D 72 -16.60 -23.95 7.28
N LYS D 73 -17.49 -23.74 8.23
CA LYS D 73 -18.26 -22.50 8.27
C LYS D 73 -17.39 -21.34 8.72
N ASN D 74 -16.55 -21.55 9.71
CA ASN D 74 -15.65 -20.51 10.21
C ASN D 74 -14.29 -20.57 9.55
N SER D 75 -14.28 -20.57 8.22
CA SER D 75 -13.04 -20.57 7.45
C SER D 75 -12.78 -19.17 6.91
N ALA D 76 -11.54 -18.95 6.52
CA ALA D 76 -11.21 -17.63 6.02
C ALA D 76 -10.49 -17.67 4.69
N GLY D 77 -9.63 -18.65 4.46
CA GLY D 77 -8.88 -18.73 3.22
C GLY D 77 -7.65 -19.58 3.38
N TRP D 78 -6.96 -19.79 2.26
CA TRP D 78 -5.73 -20.57 2.21
C TRP D 78 -4.84 -19.99 1.12
N TRP D 79 -3.53 -20.23 1.20
CA TRP D 79 -2.65 -19.86 0.11
C TRP D 79 -1.44 -20.79 0.05
N TRP D 80 -0.98 -21.05 -1.17
CA TRP D 80 0.21 -21.87 -1.42
C TRP D 80 1.17 -21.08 -2.30
N LYS D 81 2.42 -20.95 -1.85
CA LYS D 81 3.45 -20.39 -2.70
C LYS D 81 3.97 -21.48 -3.62
N LEU D 82 4.01 -21.20 -4.91
CA LEU D 82 3.93 -22.31 -5.85
C LEU D 82 5.23 -23.09 -6.12
N PRO D 83 6.43 -22.47 -6.28
CA PRO D 83 7.63 -23.33 -6.32
C PRO D 83 8.20 -23.61 -4.95
N ASP D 84 7.34 -23.87 -3.98
CA ASP D 84 7.74 -24.21 -2.62
C ASP D 84 6.96 -25.46 -2.23
N ALA D 85 5.75 -25.58 -2.79
CA ALA D 85 4.92 -26.75 -2.55
C ALA D 85 5.54 -28.00 -3.16
N LEU D 86 6.17 -27.86 -4.32
CA LEU D 86 6.81 -28.98 -4.99
C LEU D 86 8.30 -29.08 -4.67
N SER D 87 8.72 -28.53 -3.54
CA SER D 87 10.13 -28.62 -3.14
C SER D 87 10.48 -29.99 -2.57
N GLN D 88 9.55 -30.63 -1.88
CA GLN D 88 9.80 -31.96 -1.33
C GLN D 88 8.91 -33.00 -2.02
N MET D 89 8.45 -32.72 -3.23
CA MET D 89 7.56 -33.61 -3.96
C MET D 89 8.36 -34.50 -4.90
N GLY D 90 9.23 -35.31 -4.30
CA GLY D 90 9.85 -36.43 -5.01
C GLY D 90 10.82 -36.10 -6.11
N LEU D 91 10.61 -36.71 -7.28
CA LEU D 91 11.58 -36.66 -8.38
C LEU D 91 11.56 -35.32 -9.11
N PHE D 92 10.55 -34.49 -8.88
CA PHE D 92 10.66 -33.07 -9.20
C PHE D 92 11.37 -32.32 -8.08
N GLY D 93 11.03 -32.64 -6.83
CA GLY D 93 11.61 -31.98 -5.69
C GLY D 93 13.06 -32.31 -5.43
N GLN D 94 13.54 -33.45 -5.94
CA GLN D 94 14.96 -33.77 -5.85
C GLN D 94 15.77 -33.03 -6.91
N ASN D 95 15.11 -32.58 -7.98
CA ASN D 95 15.76 -31.75 -8.99
C ASN D 95 16.04 -30.34 -8.49
N MET D 96 15.41 -29.92 -7.39
CA MET D 96 15.58 -28.56 -6.88
C MET D 96 16.98 -28.33 -6.33
N GLN D 97 17.59 -29.34 -5.73
CA GLN D 97 18.89 -29.15 -5.11
C GLN D 97 20.03 -29.32 -6.08
N TYR D 98 19.82 -30.06 -7.18
CA TYR D 98 20.88 -30.29 -8.15
C TYR D 98 20.96 -29.15 -9.16
N HIS D 99 19.94 -28.30 -9.22
CA HIS D 99 19.88 -27.25 -10.22
C HIS D 99 19.82 -25.87 -9.58
N TYR D 100 20.62 -24.93 -10.13
CA TYR D 100 20.68 -23.58 -9.57
C TYR D 100 19.71 -22.63 -10.28
N LEU D 101 19.43 -22.86 -11.56
CA LEU D 101 18.54 -22.02 -12.35
C LEU D 101 17.39 -22.85 -12.91
N GLY D 102 16.53 -22.21 -13.70
CA GLY D 102 15.42 -22.88 -14.35
C GLY D 102 14.16 -22.04 -14.52
N ARG D 103 13.29 -22.43 -15.44
CA ARG D 103 12.00 -21.78 -15.65
C ARG D 103 10.93 -22.82 -15.86
N THR D 104 9.74 -22.56 -15.30
CA THR D 104 8.68 -23.56 -15.27
C THR D 104 7.33 -22.89 -15.48
N GLY D 105 6.40 -23.63 -16.08
CA GLY D 105 5.01 -23.26 -16.15
C GLY D 105 4.15 -24.28 -15.43
N TYR D 106 2.91 -23.91 -15.14
CA TYR D 106 2.07 -24.74 -14.29
C TYR D 106 0.68 -24.90 -14.88
N THR D 107 -0.02 -25.92 -14.38
CA THR D 107 -1.43 -26.18 -14.67
C THR D 107 -2.07 -26.68 -13.39
N ILE D 108 -3.09 -25.98 -12.91
CA ILE D 108 -3.67 -26.22 -11.59
C ILE D 108 -5.10 -26.71 -11.77
N HIS D 109 -5.45 -27.76 -11.05
CA HIS D 109 -6.80 -28.30 -11.00
C HIS D 109 -7.28 -28.24 -9.56
N VAL D 110 -8.34 -27.46 -9.30
CA VAL D 110 -8.93 -27.35 -7.98
C VAL D 110 -10.38 -27.81 -8.08
N GLN D 111 -10.77 -28.73 -7.22
CA GLN D 111 -12.14 -29.23 -7.22
C GLN D 111 -12.61 -29.49 -5.80
N CYS D 112 -13.79 -28.99 -5.47
CA CYS D 112 -14.44 -29.28 -4.20
C CYS D 112 -15.72 -30.05 -4.48
N ASN D 113 -15.98 -31.07 -3.68
CA ASN D 113 -17.09 -31.99 -3.95
C ASN D 113 -18.10 -31.91 -2.81
N ALA D 114 -19.14 -31.12 -3.03
CA ALA D 114 -20.26 -31.03 -2.10
C ALA D 114 -21.46 -31.68 -2.76
N SER D 115 -22.60 -31.57 -2.09
CA SER D 115 -23.85 -32.11 -2.61
C SER D 115 -24.65 -30.98 -3.27
N LYS D 116 -25.90 -31.28 -3.60
CA LYS D 116 -26.88 -30.26 -3.98
C LYS D 116 -27.66 -29.74 -2.79
N PHE D 117 -27.15 -29.93 -1.58
CA PHE D 117 -27.76 -29.42 -0.37
C PHE D 117 -26.89 -28.40 0.34
N HIS D 118 -25.63 -28.26 -0.06
CA HIS D 118 -24.72 -27.25 0.44
C HIS D 118 -24.76 -26.01 -0.44
N GLN D 119 -24.14 -24.94 0.03
CA GLN D 119 -24.12 -23.70 -0.71
C GLN D 119 -22.86 -22.90 -0.34
N GLY D 120 -22.36 -22.15 -1.31
CA GLY D 120 -21.14 -21.38 -1.09
C GLY D 120 -20.62 -20.83 -2.39
N CYS D 121 -19.46 -20.18 -2.29
CA CYS D 121 -18.82 -19.56 -3.44
C CYS D 121 -17.35 -19.30 -3.12
N LEU D 122 -16.46 -19.78 -3.98
CA LEU D 122 -15.04 -19.60 -3.81
C LEU D 122 -14.48 -18.71 -4.91
N LEU D 123 -13.31 -18.15 -4.67
CA LEU D 123 -12.54 -17.44 -5.67
C LEU D 123 -11.15 -18.04 -5.70
N VAL D 124 -10.70 -18.46 -6.87
CA VAL D 124 -9.44 -19.18 -7.03
C VAL D 124 -8.54 -18.31 -7.89
N VAL D 125 -7.69 -17.50 -7.26
CA VAL D 125 -6.84 -16.58 -7.97
C VAL D 125 -5.42 -17.13 -8.02
N CYS D 126 -4.61 -16.59 -8.93
CA CYS D 126 -3.20 -16.98 -9.05
C CYS D 126 -2.37 -15.72 -9.27
N VAL D 127 -1.72 -15.25 -8.21
CA VAL D 127 -1.14 -13.91 -8.16
C VAL D 127 0.34 -14.00 -8.50
N PRO D 128 0.81 -13.34 -9.55
CA PRO D 128 2.26 -13.27 -9.79
C PRO D 128 2.92 -12.21 -8.93
N GLU D 129 4.00 -12.62 -8.24
CA GLU D 129 4.80 -11.78 -7.35
C GLU D 129 3.96 -11.15 -6.25
N ALA D 130 3.41 -12.00 -5.39
CA ALA D 130 2.55 -11.55 -4.30
C ALA D 130 3.40 -11.37 -3.05
N GLU D 131 3.90 -10.15 -2.88
CA GLU D 131 4.59 -9.81 -1.64
C GLU D 131 3.59 -9.73 -0.51
N MET D 132 3.89 -10.39 0.59
CA MET D 132 3.04 -10.35 1.77
C MET D 132 3.50 -9.24 2.70
N GLY D 133 2.63 -8.85 3.62
CA GLY D 133 2.90 -7.76 4.54
C GLY D 133 3.00 -8.24 5.97
N CYS D 134 4.00 -7.74 6.68
CA CYS D 134 4.25 -8.20 8.04
C CYS D 134 3.26 -7.57 9.01
N SER D 135 3.25 -8.09 10.24
CA SER D 135 2.39 -7.53 11.28
C SER D 135 3.05 -6.39 12.02
N ASN D 136 4.37 -6.45 12.21
CA ASN D 136 5.13 -5.33 12.71
C ASN D 136 5.55 -4.46 11.54
N LEU D 137 5.47 -3.15 11.72
CA LEU D 137 5.66 -2.24 10.60
C LEU D 137 7.12 -2.08 10.21
N ASN D 138 8.07 -2.58 11.01
CA ASN D 138 9.48 -2.39 10.72
C ASN D 138 10.20 -3.62 10.22
N ASN D 139 9.74 -4.81 10.58
CA ASN D 139 10.41 -6.04 10.18
C ASN D 139 9.83 -6.55 8.88
N THR D 140 10.24 -7.76 8.52
CA THR D 140 9.75 -8.49 7.36
C THR D 140 9.52 -9.94 7.80
N PRO D 141 8.51 -10.62 7.26
CA PRO D 141 8.13 -11.92 7.83
C PRO D 141 9.14 -13.02 7.56
N GLU D 142 9.27 -13.91 8.52
CA GLU D 142 10.25 -14.99 8.45
C GLU D 142 9.78 -16.07 7.47
N PHE D 143 10.71 -16.95 7.10
CA PHE D 143 10.47 -17.89 6.01
C PHE D 143 9.43 -18.94 6.36
N SER D 144 9.36 -19.34 7.62
CA SER D 144 8.40 -20.37 8.02
C SER D 144 6.97 -19.87 8.04
N GLU D 145 6.75 -18.57 7.98
CA GLU D 145 5.41 -18.01 7.91
C GLU D 145 4.96 -17.73 6.49
N LEU D 146 5.89 -17.56 5.56
CA LEU D 146 5.52 -17.35 4.16
C LEU D 146 4.92 -18.59 3.55
N SER D 147 5.57 -19.73 3.72
CA SER D 147 5.12 -20.94 3.04
C SER D 147 5.61 -22.17 3.79
N GLY D 148 4.71 -23.12 3.98
CA GLY D 148 5.08 -24.45 4.40
C GLY D 148 5.11 -25.39 3.20
N GLY D 149 5.93 -26.43 3.31
CA GLY D 149 5.98 -27.44 2.27
C GLY D 149 4.71 -28.25 2.28
N ASP D 150 3.96 -28.22 1.16
CA ASP D 150 2.67 -28.87 0.91
C ASP D 150 1.65 -28.73 2.04
N SER D 151 1.69 -27.63 2.76
CA SER D 151 0.71 -27.30 3.77
C SER D 151 0.15 -25.93 3.45
N ALA D 152 -1.16 -25.79 3.59
CA ALA D 152 -1.80 -24.52 3.31
C ALA D 152 -1.69 -23.61 4.51
N ARG D 153 -1.04 -22.47 4.33
CA ARG D 153 -1.13 -21.42 5.32
C ARG D 153 -2.47 -20.72 5.15
N MET D 154 -3.11 -20.41 6.26
CA MET D 154 -4.51 -20.00 6.21
C MET D 154 -4.69 -18.59 6.73
N PHE D 155 -5.57 -17.85 6.07
CA PHE D 155 -5.92 -16.49 6.42
C PHE D 155 -6.68 -16.44 7.75
N THR D 156 -6.98 -15.24 8.19
CA THR D 156 -7.63 -15.03 9.47
C THR D 156 -8.68 -13.94 9.29
N ASP D 157 -9.72 -13.97 10.11
CA ASP D 157 -10.76 -12.95 10.08
C ASP D 157 -10.54 -11.86 11.13
N THR D 158 -9.31 -11.69 11.61
CA THR D 158 -8.99 -10.64 12.56
C THR D 158 -7.70 -9.96 12.14
N GLN D 159 -7.26 -9.01 12.95
CA GLN D 159 -5.94 -8.44 12.82
C GLN D 159 -4.94 -9.21 13.68
N VAL D 160 -3.75 -9.38 13.16
CA VAL D 160 -2.61 -9.85 13.93
C VAL D 160 -1.96 -8.64 14.57
N GLY D 161 -1.82 -8.65 15.88
CA GLY D 161 -1.36 -7.47 16.59
C GLY D 161 0.10 -7.16 16.32
N GLU D 162 0.48 -5.92 16.60
CA GLU D 162 1.81 -5.46 16.25
C GLU D 162 2.87 -5.90 17.25
N SER D 163 2.46 -6.55 18.35
CA SER D 163 3.45 -7.09 19.27
C SER D 163 4.10 -8.36 18.72
N ASN D 164 3.48 -8.96 17.71
CA ASN D 164 4.10 -10.10 17.03
C ASN D 164 5.24 -9.60 16.16
N ALA D 165 6.41 -10.25 16.29
CA ALA D 165 7.61 -9.72 15.65
C ALA D 165 7.63 -10.00 14.16
N LYS D 166 7.68 -11.27 13.77
CA LYS D 166 7.75 -11.67 12.38
C LYS D 166 6.59 -12.61 12.08
N LYS D 167 5.44 -12.05 11.75
CA LYS D 167 4.28 -12.82 11.33
C LYS D 167 3.61 -12.08 10.19
N VAL D 168 2.98 -12.85 9.29
CA VAL D 168 2.28 -12.23 8.18
C VAL D 168 0.95 -11.70 8.66
N GLN D 169 0.66 -10.44 8.32
CA GLN D 169 -0.64 -9.85 8.63
C GLN D 169 -1.69 -10.50 7.75
N THR D 170 -2.60 -11.25 8.37
CA THR D 170 -3.51 -12.09 7.64
C THR D 170 -4.95 -11.60 7.75
N ALA D 171 -5.15 -10.29 7.59
CA ALA D 171 -6.49 -9.75 7.43
C ALA D 171 -7.00 -10.13 6.04
N VAL D 172 -8.09 -10.91 5.99
CA VAL D 172 -8.49 -11.52 4.73
C VAL D 172 -9.10 -10.50 3.78
N TRP D 173 -9.66 -9.40 4.26
CA TRP D 173 -10.24 -8.42 3.36
C TRP D 173 -9.18 -7.54 2.69
N ASN D 174 -7.92 -7.67 3.10
CA ASN D 174 -6.82 -7.03 2.41
C ASN D 174 -5.93 -8.02 1.68
N ALA D 175 -6.19 -9.32 1.85
CA ALA D 175 -5.49 -10.43 1.20
C ALA D 175 -4.01 -10.45 1.48
N GLY D 176 -3.57 -9.86 2.60
CA GLY D 176 -2.17 -9.83 2.96
C GLY D 176 -1.29 -8.97 2.08
N MET D 177 -1.86 -8.12 1.25
CA MET D 177 -1.08 -7.29 0.34
C MET D 177 -1.40 -5.80 0.48
N GLY D 178 -2.33 -5.44 1.35
CA GLY D 178 -2.67 -4.04 1.52
C GLY D 178 -3.58 -3.48 0.45
N VAL D 179 -4.47 -4.30 -0.09
CA VAL D 179 -5.23 -3.95 -1.28
C VAL D 179 -6.69 -4.27 -0.99
N GLY D 180 -7.58 -3.97 -1.93
CA GLY D 180 -8.95 -4.40 -1.81
C GLY D 180 -9.12 -5.83 -2.29
N VAL D 181 -9.78 -6.65 -1.48
CA VAL D 181 -9.88 -8.08 -1.80
C VAL D 181 -10.89 -8.33 -2.91
N GLY D 182 -11.81 -7.40 -3.16
CA GLY D 182 -12.70 -7.56 -4.28
C GLY D 182 -12.05 -7.35 -5.62
N ASN D 183 -10.97 -6.57 -5.66
CA ASN D 183 -10.28 -6.26 -6.91
C ASN D 183 -9.24 -7.30 -7.28
N LEU D 184 -9.22 -8.44 -6.62
CA LEU D 184 -8.29 -9.52 -6.96
C LEU D 184 -8.66 -10.24 -8.25
N THR D 185 -9.76 -9.88 -8.89
CA THR D 185 -10.22 -10.52 -10.12
C THR D 185 -9.48 -10.01 -11.35
N ILE D 186 -8.52 -9.09 -11.21
CA ILE D 186 -7.74 -8.66 -12.35
C ILE D 186 -6.70 -9.71 -12.72
N PHE D 187 -6.30 -10.56 -11.78
CA PHE D 187 -5.45 -11.69 -12.06
C PHE D 187 -6.27 -12.78 -12.73
N PRO D 188 -5.64 -13.79 -13.32
CA PRO D 188 -6.42 -14.94 -13.82
C PRO D 188 -7.08 -15.68 -12.67
N HIS D 189 -8.37 -15.98 -12.85
CA HIS D 189 -9.19 -16.49 -11.76
C HIS D 189 -10.31 -17.35 -12.32
N GLN D 190 -11.11 -17.90 -11.41
CA GLN D 190 -12.26 -18.73 -11.73
C GLN D 190 -13.13 -18.81 -10.49
N TRP D 191 -14.42 -18.53 -10.64
CA TRP D 191 -15.34 -18.60 -9.53
C TRP D 191 -15.94 -19.99 -9.42
N ILE D 192 -15.78 -20.61 -8.26
CA ILE D 192 -16.37 -21.91 -7.99
C ILE D 192 -17.63 -21.66 -7.18
N ASN D 193 -18.78 -21.75 -7.84
CA ASN D 193 -20.08 -21.58 -7.23
C ASN D 193 -20.71 -22.95 -7.08
N LEU D 194 -21.03 -23.35 -5.84
CA LEU D 194 -21.50 -24.70 -5.59
C LEU D 194 -22.88 -24.96 -6.17
N ARG D 195 -23.63 -23.90 -6.47
CA ARG D 195 -24.94 -24.07 -7.08
C ARG D 195 -24.83 -24.52 -8.53
N THR D 196 -23.81 -24.04 -9.25
CA THR D 196 -23.67 -24.32 -10.67
C THR D 196 -22.39 -25.04 -11.06
N ASN D 197 -21.28 -24.80 -10.37
CA ASN D 197 -19.96 -25.23 -10.83
C ASN D 197 -19.37 -26.20 -9.82
N ASN D 198 -18.40 -26.98 -10.28
CA ASN D 198 -17.78 -27.98 -9.42
C ASN D 198 -16.28 -27.85 -9.28
N SER D 199 -15.56 -27.35 -10.29
CA SER D 199 -14.11 -27.36 -10.28
C SER D 199 -13.57 -26.14 -11.00
N ALA D 200 -12.24 -26.04 -11.03
CA ALA D 200 -11.56 -24.94 -11.69
C ALA D 200 -10.30 -25.47 -12.36
N THR D 201 -9.85 -24.75 -13.38
CA THR D 201 -8.62 -25.08 -14.08
C THR D 201 -7.92 -23.79 -14.46
N LEU D 202 -6.60 -23.74 -14.26
CA LEU D 202 -5.81 -22.55 -14.54
C LEU D 202 -4.50 -22.96 -15.20
N VAL D 203 -4.21 -22.39 -16.37
CA VAL D 203 -2.97 -22.64 -17.08
C VAL D 203 -2.15 -21.37 -16.99
N MET D 204 -1.01 -21.44 -16.29
CA MET D 204 -0.24 -20.24 -16.02
C MET D 204 1.12 -20.30 -16.68
N PRO D 205 1.49 -19.30 -17.46
CA PRO D 205 2.81 -19.30 -18.10
C PRO D 205 3.92 -18.95 -17.13
N TYR D 206 5.14 -18.80 -17.65
CA TYR D 206 6.26 -18.36 -16.85
C TYR D 206 6.37 -16.85 -16.95
N ILE D 207 6.08 -16.16 -15.86
CA ILE D 207 6.03 -14.70 -15.82
C ILE D 207 7.15 -14.23 -14.91
N ASN D 208 8.16 -13.62 -15.49
CA ASN D 208 9.30 -13.09 -14.73
C ASN D 208 10.04 -12.11 -15.63
N SER D 209 10.87 -11.27 -15.01
CA SER D 209 11.63 -10.25 -15.73
C SER D 209 12.93 -10.79 -16.31
N VAL D 210 13.51 -11.81 -15.70
CA VAL D 210 14.73 -12.45 -16.24
C VAL D 210 14.34 -13.81 -16.77
N PRO D 211 15.05 -14.35 -17.78
CA PRO D 211 14.63 -15.64 -18.34
C PRO D 211 14.96 -16.83 -17.46
N MET D 212 15.94 -16.72 -16.56
CA MET D 212 16.26 -17.77 -15.61
C MET D 212 16.61 -17.12 -14.28
N ASP D 213 16.05 -17.65 -13.20
CA ASP D 213 16.09 -17.00 -11.91
C ASP D 213 16.70 -17.93 -10.88
N ASN D 214 16.93 -17.40 -9.68
CA ASN D 214 17.23 -18.23 -8.53
C ASN D 214 15.94 -18.87 -8.05
N MET D 215 15.96 -20.19 -7.90
CA MET D 215 14.74 -20.91 -7.59
C MET D 215 14.60 -21.21 -6.10
N PHE D 216 15.55 -20.79 -5.28
CA PHE D 216 15.42 -20.93 -3.83
C PHE D 216 15.08 -19.63 -3.15
N ARG D 217 15.29 -18.51 -3.82
CA ARG D 217 15.01 -17.20 -3.25
C ARG D 217 13.94 -16.46 -4.02
N HIS D 218 13.00 -17.17 -4.63
CA HIS D 218 11.95 -16.53 -5.40
C HIS D 218 10.76 -17.47 -5.48
N ASN D 219 9.57 -16.96 -5.15
CA ASN D 219 8.31 -17.67 -5.36
C ASN D 219 7.49 -16.81 -6.30
N ASN D 220 7.51 -17.12 -7.59
CA ASN D 220 6.94 -16.24 -8.59
C ASN D 220 5.45 -16.44 -8.82
N LEU D 221 4.79 -17.29 -8.04
CA LEU D 221 3.35 -17.45 -8.14
C LEU D 221 2.79 -17.70 -6.75
N THR D 222 1.50 -17.39 -6.59
CA THR D 222 0.82 -17.61 -5.32
C THR D 222 -0.64 -17.92 -5.61
N LEU D 223 -1.10 -19.08 -5.20
CA LEU D 223 -2.47 -19.53 -5.44
C LEU D 223 -3.28 -19.32 -4.18
N MET D 224 -4.31 -18.49 -4.24
CA MET D 224 -5.16 -18.22 -3.10
C MET D 224 -6.57 -18.76 -3.35
N ILE D 225 -7.25 -19.14 -2.28
CA ILE D 225 -8.62 -19.60 -2.32
C ILE D 225 -9.35 -18.88 -1.20
N ILE D 226 -10.32 -18.03 -1.55
CA ILE D 226 -11.02 -17.20 -0.57
C ILE D 226 -12.51 -17.46 -0.68
N PRO D 227 -13.18 -17.91 0.38
CA PRO D 227 -14.63 -18.09 0.34
C PRO D 227 -15.35 -16.77 0.51
N PHE D 228 -15.91 -16.25 -0.57
CA PHE D 228 -16.63 -14.98 -0.49
C PHE D 228 -17.95 -15.14 0.22
N VAL D 229 -18.80 -16.03 -0.26
CA VAL D 229 -20.03 -16.42 0.43
C VAL D 229 -19.73 -17.67 1.24
N PRO D 230 -19.89 -17.65 2.56
CA PRO D 230 -19.45 -18.76 3.39
C PRO D 230 -20.34 -19.99 3.21
N LEU D 231 -19.82 -21.12 3.68
CA LEU D 231 -20.55 -22.37 3.58
C LEU D 231 -21.76 -22.33 4.50
N ASN D 232 -22.84 -22.97 4.07
CA ASN D 232 -24.01 -23.11 4.90
C ASN D 232 -24.67 -24.43 4.57
N TYR D 233 -25.31 -25.02 5.57
CA TYR D 233 -25.97 -26.31 5.42
C TYR D 233 -27.01 -26.45 6.52
N SER D 234 -27.88 -27.43 6.35
CA SER D 234 -28.83 -27.76 7.39
C SER D 234 -28.31 -28.93 8.23
N GLU D 235 -28.93 -29.12 9.38
CA GLU D 235 -28.47 -30.12 10.33
C GLU D 235 -28.77 -31.51 9.81
N GLY D 236 -27.73 -32.35 9.73
CA GLY D 236 -27.81 -33.66 9.11
C GLY D 236 -26.79 -33.87 8.02
N SER D 237 -26.42 -32.81 7.32
CA SER D 237 -25.41 -32.91 6.28
C SER D 237 -24.02 -32.99 6.90
N SER D 238 -23.03 -33.14 6.03
CA SER D 238 -21.65 -33.15 6.50
C SER D 238 -21.23 -31.75 6.88
N PRO D 239 -20.54 -31.55 8.01
CA PRO D 239 -20.16 -30.20 8.43
C PRO D 239 -18.92 -29.64 7.76
N TYR D 240 -18.48 -30.20 6.64
CA TYR D 240 -17.28 -29.74 5.95
C TYR D 240 -17.38 -30.11 4.48
N VAL D 241 -16.53 -29.50 3.67
CA VAL D 241 -16.43 -29.78 2.25
C VAL D 241 -14.94 -29.81 1.90
N PRO D 242 -14.41 -30.85 1.29
CA PRO D 242 -12.97 -30.90 1.02
C PRO D 242 -12.62 -30.33 -0.34
N ILE D 243 -11.48 -29.64 -0.39
CA ILE D 243 -10.98 -28.98 -1.59
C ILE D 243 -9.64 -29.58 -1.96
N THR D 244 -9.52 -30.07 -3.19
CA THR D 244 -8.36 -30.84 -3.61
C THR D 244 -7.61 -30.11 -4.71
N VAL D 245 -6.33 -29.84 -4.49
CA VAL D 245 -5.50 -29.07 -5.40
C VAL D 245 -4.51 -30.00 -6.07
N THR D 246 -4.41 -29.92 -7.39
CA THR D 246 -3.54 -30.78 -8.18
C THR D 246 -2.71 -29.89 -9.10
N ILE D 247 -1.39 -30.01 -9.00
CA ILE D 247 -0.47 -29.16 -9.75
C ILE D 247 0.32 -30.02 -10.71
N ALA D 248 0.45 -29.57 -11.96
CA ALA D 248 1.20 -30.29 -12.98
C ALA D 248 2.17 -29.33 -13.62
N PRO D 249 3.48 -29.53 -13.48
CA PRO D 249 4.42 -28.62 -14.13
C PRO D 249 4.47 -28.87 -15.62
N MET D 250 4.52 -27.78 -16.39
CA MET D 250 4.77 -27.84 -17.81
C MET D 250 6.03 -27.04 -18.11
N CYS D 251 6.66 -27.32 -19.26
CA CYS D 251 7.81 -26.58 -19.81
C CYS D 251 8.97 -26.47 -18.82
N ALA D 252 9.15 -27.53 -18.03
CA ALA D 252 10.20 -27.57 -17.02
C ALA D 252 11.56 -27.77 -17.67
N GLU D 253 12.45 -26.83 -17.45
CA GLU D 253 13.80 -26.91 -18.01
C GLU D 253 14.75 -26.17 -17.10
N TYR D 254 16.01 -26.58 -17.10
CA TYR D 254 17.00 -26.09 -16.15
C TYR D 254 18.32 -25.82 -16.85
N ASN D 255 19.10 -24.93 -16.24
CA ASN D 255 20.45 -24.62 -16.69
C ASN D 255 21.41 -25.46 -15.87
N GLY D 256 22.25 -26.23 -16.55
CA GLY D 256 23.16 -27.11 -15.84
C GLY D 256 24.08 -27.80 -16.82
N LEU D 257 24.70 -28.87 -16.35
CA LEU D 257 25.62 -29.67 -17.16
C LEU D 257 25.00 -31.05 -17.41
N GLY E 1 29.10 34.56 -37.60
CA GLY E 1 28.73 33.24 -38.09
C GLY E 1 27.36 33.28 -38.72
N LEU E 2 26.55 32.26 -38.46
CA LEU E 2 25.16 32.33 -38.88
C LEU E 2 24.40 33.23 -37.91
N PRO E 3 23.57 34.15 -38.40
CA PRO E 3 22.87 35.09 -37.50
C PRO E 3 21.59 34.47 -36.96
N VAL E 4 21.51 34.35 -35.63
CA VAL E 4 20.31 33.83 -34.98
C VAL E 4 19.74 34.87 -34.05
N MET E 5 18.56 34.61 -33.50
CA MET E 5 17.80 35.59 -32.75
C MET E 5 16.95 34.84 -31.74
N THR E 6 17.11 35.14 -30.46
CA THR E 6 16.43 34.37 -29.41
C THR E 6 15.07 34.98 -29.09
N THR E 7 14.04 34.18 -29.25
CA THR E 7 12.68 34.56 -28.93
C THR E 7 12.44 34.49 -27.43
N PRO E 8 11.37 35.12 -26.92
CA PRO E 8 11.02 34.93 -25.51
C PRO E 8 10.59 33.51 -25.20
N GLY E 9 10.79 33.12 -23.96
CA GLY E 9 10.63 31.74 -23.57
C GLY E 9 11.81 30.88 -23.97
N SER E 10 13.03 31.39 -23.80
CA SER E 10 14.22 30.67 -24.28
C SER E 10 14.90 29.87 -23.18
N THR E 11 15.44 30.53 -22.15
CA THR E 11 16.12 29.77 -21.10
C THR E 11 15.19 29.44 -19.94
N GLN E 12 14.05 28.84 -20.24
CA GLN E 12 13.07 28.52 -19.21
C GLN E 12 12.88 27.01 -19.16
N PHE E 13 12.35 26.55 -18.04
CA PHE E 13 12.06 25.14 -17.80
C PHE E 13 10.57 25.01 -17.62
N LEU E 14 9.85 24.79 -18.70
CA LEU E 14 8.45 24.41 -18.62
C LEU E 14 8.42 22.91 -18.37
N THR E 15 7.73 22.50 -17.31
CA THR E 15 7.87 21.12 -16.83
C THR E 15 7.21 20.10 -17.75
N SER E 16 6.43 20.53 -18.72
CA SER E 16 5.70 19.63 -19.60
C SER E 16 6.15 19.80 -21.05
N ASP E 17 7.45 19.92 -21.28
CA ASP E 17 7.95 20.07 -22.64
C ASP E 17 8.46 18.73 -23.15
N ASP E 18 8.70 18.65 -24.46
CA ASP E 18 9.23 17.44 -25.08
C ASP E 18 10.42 17.90 -25.91
N PHE E 19 11.58 17.99 -25.28
CA PHE E 19 12.81 18.37 -25.95
C PHE E 19 13.80 17.22 -25.87
N GLN E 20 14.81 17.29 -26.73
CA GLN E 20 15.90 16.33 -26.67
C GLN E 20 16.75 16.57 -25.43
N SER E 21 17.61 15.61 -25.13
CA SER E 21 18.42 15.67 -23.94
C SER E 21 19.65 14.81 -24.16
N PRO E 22 20.82 15.25 -23.70
CA PRO E 22 22.02 14.44 -23.89
C PRO E 22 22.04 13.27 -22.92
N SER E 23 22.48 12.12 -23.40
CA SER E 23 22.46 10.91 -22.58
C SER E 23 23.62 10.92 -21.60
N ALA E 24 23.35 10.53 -20.36
CA ALA E 24 24.40 10.55 -19.35
C ALA E 24 25.39 9.44 -19.56
N MET E 25 24.90 8.24 -19.85
CA MET E 25 25.76 7.08 -20.13
C MET E 25 25.51 6.64 -21.56
N PRO E 26 26.26 7.15 -22.52
CA PRO E 26 26.32 6.53 -23.84
C PRO E 26 27.28 5.35 -23.76
N GLN E 27 27.45 4.67 -24.90
CA GLN E 27 28.31 3.49 -25.08
C GLN E 27 28.08 2.39 -24.03
N PHE E 28 26.85 2.30 -23.53
CA PHE E 28 26.52 1.34 -22.49
C PHE E 28 25.92 0.05 -23.03
N ASP E 29 25.18 0.11 -24.15
CA ASP E 29 24.62 -1.06 -24.84
C ASP E 29 23.65 -1.84 -23.94
N VAL E 30 22.49 -1.21 -23.72
CA VAL E 30 21.47 -1.70 -22.80
C VAL E 30 20.95 -3.08 -23.18
N THR E 31 20.28 -3.71 -22.22
CA THR E 31 19.79 -5.07 -22.38
C THR E 31 18.61 -5.09 -23.34
N PRO E 32 18.59 -5.97 -24.33
CA PRO E 32 17.48 -6.01 -25.28
C PRO E 32 16.23 -6.59 -24.62
N GLU E 33 15.10 -6.38 -25.30
CA GLU E 33 13.80 -6.66 -24.72
C GLU E 33 13.50 -8.16 -24.72
N MET E 34 12.28 -8.47 -24.32
CA MET E 34 11.88 -9.84 -24.02
C MET E 34 10.36 -9.93 -24.08
N GLN E 35 9.86 -11.07 -24.55
CA GLN E 35 8.42 -11.35 -24.55
C GLN E 35 7.99 -11.72 -23.14
N ILE E 36 7.32 -10.80 -22.46
CA ILE E 36 6.74 -11.04 -21.14
C ILE E 36 5.22 -11.04 -21.30
N PRO E 37 4.49 -11.99 -20.74
CA PRO E 37 3.04 -12.05 -20.96
C PRO E 37 2.30 -10.97 -20.20
N GLY E 38 1.29 -10.40 -20.85
CA GLY E 38 0.40 -9.49 -20.17
C GLY E 38 0.74 -8.03 -20.31
N ARG E 39 0.96 -7.57 -21.53
CA ARG E 39 1.33 -6.17 -21.75
C ARG E 39 0.09 -5.30 -21.81
N VAL E 40 0.22 -4.09 -21.28
CA VAL E 40 -0.88 -3.13 -21.22
C VAL E 40 -0.57 -1.98 -22.17
N ASN E 41 -1.53 -1.63 -23.01
CA ASN E 41 -1.39 -0.49 -23.90
C ASN E 41 -2.25 0.70 -23.52
N ASN E 42 -3.32 0.49 -22.74
CA ASN E 42 -4.25 1.55 -22.40
C ASN E 42 -4.85 1.24 -21.04
N LEU E 43 -5.31 2.28 -20.36
CA LEU E 43 -5.88 2.09 -19.02
C LEU E 43 -7.31 1.57 -19.06
N MET E 44 -7.98 1.62 -20.20
CA MET E 44 -9.38 1.22 -20.25
C MET E 44 -9.55 -0.29 -20.25
N GLU E 45 -8.53 -1.04 -20.61
CA GLU E 45 -8.65 -2.49 -20.57
C GLU E 45 -8.41 -3.03 -19.17
N ILE E 46 -7.90 -2.21 -18.26
CA ILE E 46 -7.94 -2.55 -16.84
C ILE E 46 -9.34 -2.30 -16.29
N ALA E 47 -10.05 -1.32 -16.83
CA ALA E 47 -11.40 -1.02 -16.38
C ALA E 47 -12.42 -2.03 -16.86
N GLU E 48 -12.17 -2.68 -17.99
CA GLU E 48 -13.17 -3.55 -18.60
C GLU E 48 -13.13 -4.98 -18.07
N VAL E 49 -12.60 -5.20 -16.87
CA VAL E 49 -12.69 -6.50 -16.20
C VAL E 49 -13.59 -6.34 -14.97
N ASP E 50 -14.14 -7.45 -14.50
CA ASP E 50 -15.14 -7.43 -13.45
C ASP E 50 -14.49 -7.17 -12.09
N SER E 51 -15.32 -6.78 -11.12
CA SER E 51 -14.86 -6.52 -9.76
C SER E 51 -16.07 -6.52 -8.83
N VAL E 52 -15.90 -7.07 -7.65
CA VAL E 52 -17.01 -7.26 -6.73
C VAL E 52 -17.29 -5.94 -6.01
N VAL E 53 -18.57 -5.61 -5.88
CA VAL E 53 -19.01 -4.30 -5.37
C VAL E 53 -19.43 -4.46 -3.91
N PRO E 54 -18.96 -3.61 -3.00
CA PRO E 54 -19.41 -3.68 -1.60
C PRO E 54 -20.74 -2.98 -1.37
N VAL E 55 -21.84 -3.67 -1.68
CA VAL E 55 -23.16 -3.07 -1.61
C VAL E 55 -23.70 -3.05 -0.19
N ASN E 56 -23.06 -3.75 0.74
CA ASN E 56 -23.59 -3.95 2.08
C ASN E 56 -22.68 -3.31 3.11
N ASN E 57 -22.37 -2.02 2.95
CA ASN E 57 -21.43 -1.31 3.80
C ASN E 57 -21.85 -1.33 5.27
N THR E 58 -22.93 -0.63 5.60
CA THR E 58 -23.75 -0.85 6.80
C THR E 58 -22.95 -0.68 8.11
N GLU E 59 -21.86 0.09 8.05
CA GLU E 59 -21.16 0.69 9.19
C GLU E 59 -20.42 -0.32 10.10
N ASP E 60 -20.61 -1.61 9.89
CA ASP E 60 -19.83 -2.59 10.64
C ASP E 60 -19.34 -3.74 9.78
N ASN E 61 -19.68 -3.77 8.50
CA ASN E 61 -19.23 -4.80 7.58
C ASN E 61 -18.03 -4.39 6.76
N VAL E 62 -17.58 -3.15 6.91
CA VAL E 62 -16.52 -2.65 6.03
C VAL E 62 -15.17 -3.29 6.37
N SER E 63 -14.96 -3.67 7.62
CA SER E 63 -13.77 -4.44 7.99
C SER E 63 -14.08 -5.93 8.00
N SER E 64 -14.66 -6.45 6.93
CA SER E 64 -15.02 -7.86 6.84
C SER E 64 -15.26 -8.19 5.37
N LEU E 65 -15.46 -9.48 5.11
CA LEU E 65 -15.91 -9.95 3.81
C LEU E 65 -17.43 -9.92 3.69
N LYS E 66 -18.12 -9.48 4.74
CA LYS E 66 -19.56 -9.34 4.72
C LYS E 66 -20.03 -8.09 4.01
N ALA E 67 -19.10 -7.22 3.59
CA ALA E 67 -19.49 -6.00 2.90
C ALA E 67 -19.98 -6.31 1.50
N TYR E 68 -19.57 -7.44 0.94
CA TYR E 68 -19.92 -7.78 -0.43
C TYR E 68 -21.20 -8.59 -0.55
N GLN E 69 -21.66 -9.22 0.52
CA GLN E 69 -22.76 -10.17 0.46
C GLN E 69 -24.08 -9.45 0.73
N ILE E 70 -25.01 -9.57 -0.21
CA ILE E 70 -26.35 -9.01 -0.08
C ILE E 70 -27.25 -10.10 0.51
N PRO E 71 -27.76 -9.95 1.72
CA PRO E 71 -28.50 -11.03 2.36
C PRO E 71 -29.89 -11.21 1.76
N VAL E 72 -30.31 -12.47 1.69
CA VAL E 72 -31.64 -12.84 1.21
C VAL E 72 -32.23 -13.82 2.22
N GLN E 73 -33.41 -13.51 2.73
CA GLN E 73 -34.17 -14.43 3.56
C GLN E 73 -35.61 -14.45 3.09
N SER E 74 -36.27 -15.58 3.34
CA SER E 74 -37.65 -15.78 2.91
C SER E 74 -38.57 -15.09 3.93
N ASN E 75 -39.00 -13.88 3.59
CA ASN E 75 -39.79 -13.06 4.50
C ASN E 75 -41.26 -13.48 4.48
N SER E 76 -42.12 -12.66 5.06
CA SER E 76 -43.55 -12.91 5.09
C SER E 76 -44.35 -11.82 4.39
N ASP E 77 -43.74 -10.68 4.07
CA ASP E 77 -44.44 -9.57 3.44
C ASP E 77 -44.59 -9.81 1.95
N ASN E 78 -45.60 -9.18 1.36
CA ASN E 78 -45.87 -9.28 -0.07
C ASN E 78 -45.18 -8.11 -0.76
N GLY E 79 -43.98 -8.35 -1.26
CA GLY E 79 -43.21 -7.30 -1.90
C GLY E 79 -42.42 -6.51 -0.89
N LYS E 80 -41.10 -6.47 -1.06
CA LYS E 80 -40.22 -5.80 -0.12
C LYS E 80 -38.89 -5.57 -0.81
N GLN E 81 -38.17 -4.54 -0.41
CA GLN E 81 -36.94 -4.18 -1.08
C GLN E 81 -35.78 -5.00 -0.55
N VAL E 82 -34.90 -5.42 -1.46
CA VAL E 82 -33.70 -6.13 -1.05
C VAL E 82 -32.55 -5.16 -0.83
N PHE E 83 -32.17 -4.42 -1.87
CA PHE E 83 -31.14 -3.39 -1.74
C PHE E 83 -31.54 -2.21 -2.61
N GLY E 84 -30.67 -1.22 -2.68
CA GLY E 84 -30.82 -0.11 -3.59
C GLY E 84 -29.69 0.88 -3.36
N PHE E 85 -29.05 1.34 -4.43
CA PHE E 85 -27.96 2.26 -4.27
C PHE E 85 -28.01 3.26 -5.40
N PRO E 86 -27.70 4.52 -5.15
CA PRO E 86 -27.74 5.53 -6.23
C PRO E 86 -26.53 5.42 -7.13
N LEU E 87 -26.53 6.26 -8.16
CA LEU E 87 -25.40 6.37 -9.08
C LEU E 87 -24.78 7.76 -9.05
N GLN E 88 -24.94 8.48 -7.95
CA GLN E 88 -24.34 9.79 -7.82
C GLN E 88 -22.85 9.66 -7.59
N PRO E 89 -22.00 10.16 -8.50
CA PRO E 89 -20.57 9.86 -8.42
C PRO E 89 -19.88 10.70 -7.34
N GLY E 90 -18.81 10.15 -6.78
CA GLY E 90 -17.99 10.86 -5.83
C GLY E 90 -18.51 10.90 -4.41
N ALA E 91 -19.80 11.17 -4.21
CA ALA E 91 -20.36 11.37 -2.88
C ALA E 91 -20.52 10.03 -2.16
N ASN E 92 -19.36 9.45 -1.81
CA ASN E 92 -19.14 8.21 -1.07
C ASN E 92 -20.07 7.06 -1.44
N ASN E 93 -20.30 6.87 -2.74
CA ASN E 93 -21.18 5.79 -3.19
C ASN E 93 -20.38 4.49 -3.26
N VAL E 94 -21.06 3.39 -3.55
CA VAL E 94 -20.46 2.08 -3.45
C VAL E 94 -19.54 1.72 -4.61
N LEU E 95 -19.66 2.42 -5.74
CA LEU E 95 -18.84 2.11 -6.90
C LEU E 95 -17.51 2.85 -6.89
N ASN E 96 -17.07 3.31 -5.73
CA ASN E 96 -15.95 4.24 -5.69
C ASN E 96 -14.61 3.51 -5.59
N ARG E 97 -14.54 2.50 -4.73
CA ARG E 97 -13.27 1.82 -4.50
C ARG E 97 -13.04 0.64 -5.43
N THR E 98 -13.88 0.46 -6.43
CA THR E 98 -13.76 -0.72 -7.27
C THR E 98 -12.62 -0.58 -8.26
N LEU E 99 -12.51 -1.54 -9.17
CA LEU E 99 -11.41 -1.54 -10.11
C LEU E 99 -11.63 -0.54 -11.22
N LEU E 100 -12.88 -0.26 -11.54
CA LEU E 100 -13.21 0.79 -12.49
C LEU E 100 -13.29 2.15 -11.81
N GLY E 101 -13.90 2.19 -10.63
CA GLY E 101 -14.12 3.43 -9.92
C GLY E 101 -12.88 4.11 -9.38
N GLU E 102 -11.73 3.45 -9.39
CA GLU E 102 -10.49 4.11 -8.99
C GLU E 102 -9.64 4.53 -10.17
N ILE E 103 -10.02 4.12 -11.37
CA ILE E 103 -9.37 4.62 -12.58
C ILE E 103 -10.07 5.88 -13.07
N LEU E 104 -11.40 5.94 -12.91
CA LEU E 104 -12.16 7.13 -13.24
C LEU E 104 -11.90 8.28 -12.29
N ASN E 105 -11.28 8.04 -11.14
CA ASN E 105 -10.92 9.13 -10.24
C ASN E 105 -9.64 9.82 -10.63
N TYR E 106 -8.90 9.29 -11.60
CA TYR E 106 -7.75 9.97 -12.16
C TYR E 106 -8.12 10.89 -13.29
N TYR E 107 -9.40 11.09 -13.58
CA TYR E 107 -9.86 11.89 -14.69
C TYR E 107 -11.01 12.78 -14.26
N THR E 108 -11.09 13.95 -14.88
CA THR E 108 -12.02 14.99 -14.44
C THR E 108 -13.42 14.83 -15.03
N HIS E 109 -13.53 14.42 -16.29
CA HIS E 109 -14.83 14.18 -16.91
C HIS E 109 -14.82 12.84 -17.63
N TRP E 110 -15.91 12.09 -17.47
CA TRP E 110 -16.02 10.79 -18.12
C TRP E 110 -17.48 10.49 -18.39
N SER E 111 -17.72 9.55 -19.31
CA SER E 111 -19.08 9.21 -19.71
C SER E 111 -19.09 7.85 -20.37
N GLY E 112 -20.12 7.06 -20.08
CA GLY E 112 -20.23 5.74 -20.66
C GLY E 112 -21.35 4.95 -20.02
N SER E 113 -21.23 3.63 -20.07
CA SER E 113 -22.24 2.75 -19.50
C SER E 113 -21.61 1.72 -18.57
N ILE E 114 -22.47 0.99 -17.87
CA ILE E 114 -22.05 0.13 -16.76
C ILE E 114 -22.73 -1.22 -16.90
N LYS E 115 -21.93 -2.30 -16.87
CA LYS E 115 -22.47 -3.64 -16.77
C LYS E 115 -22.59 -4.03 -15.31
N LEU E 116 -23.80 -4.37 -14.88
CA LEU E 116 -24.06 -4.76 -13.49
C LEU E 116 -24.53 -6.21 -13.47
N THR E 117 -23.62 -7.12 -13.18
CA THR E 117 -23.91 -8.55 -13.14
C THR E 117 -24.14 -8.97 -11.70
N PHE E 118 -25.22 -9.71 -11.47
CA PHE E 118 -25.51 -10.28 -10.17
C PHE E 118 -25.31 -11.79 -10.21
N MET E 119 -25.12 -12.38 -9.03
CA MET E 119 -24.92 -13.82 -8.95
C MET E 119 -25.57 -14.33 -7.68
N PHE E 120 -26.49 -15.27 -7.82
CA PHE E 120 -27.19 -15.85 -6.68
C PHE E 120 -26.33 -16.98 -6.12
N CYS E 121 -25.73 -16.74 -4.96
CA CYS E 121 -24.90 -17.73 -4.30
C CYS E 121 -25.68 -18.46 -3.22
N GLY E 122 -26.73 -19.15 -3.64
CA GLY E 122 -27.55 -19.90 -2.72
C GLY E 122 -27.58 -21.37 -3.06
N SER E 123 -28.58 -22.09 -2.56
CA SER E 123 -28.65 -23.52 -2.80
C SER E 123 -29.16 -23.80 -4.20
N ALA E 124 -28.91 -25.02 -4.66
CA ALA E 124 -29.32 -25.42 -5.99
C ALA E 124 -30.75 -25.90 -6.04
N MET E 125 -31.41 -26.04 -4.89
CA MET E 125 -32.78 -26.50 -4.79
C MET E 125 -33.76 -25.36 -4.60
N ALA E 126 -33.30 -24.12 -4.54
CA ALA E 126 -34.15 -22.98 -4.21
C ALA E 126 -34.70 -22.32 -5.47
N THR E 127 -35.87 -21.70 -5.34
CA THR E 127 -36.54 -21.05 -6.46
C THR E 127 -37.13 -19.73 -6.00
N GLY E 128 -36.95 -18.70 -6.81
CA GLY E 128 -37.52 -17.40 -6.48
C GLY E 128 -37.49 -16.47 -7.66
N LYS E 129 -38.05 -15.29 -7.46
CA LYS E 129 -38.06 -14.26 -8.49
C LYS E 129 -37.67 -12.93 -7.86
N PHE E 130 -37.06 -12.07 -8.68
CA PHE E 130 -36.63 -10.75 -8.24
C PHE E 130 -36.97 -9.74 -9.34
N LEU E 131 -37.11 -8.49 -8.94
CA LEU E 131 -37.12 -7.38 -9.89
C LEU E 131 -35.77 -6.69 -9.88
N LEU E 132 -35.43 -6.07 -10.99
CA LEU E 132 -34.20 -5.28 -11.11
C LEU E 132 -34.57 -4.01 -11.85
N ALA E 133 -34.92 -2.97 -11.09
CA ALA E 133 -35.39 -1.75 -11.72
C ALA E 133 -34.29 -0.71 -11.82
N TYR E 134 -34.36 0.11 -12.85
CA TYR E 134 -33.43 1.22 -13.04
C TYR E 134 -34.25 2.49 -13.22
N SER E 135 -34.14 3.39 -12.28
CA SER E 135 -34.81 4.67 -12.38
C SER E 135 -33.92 5.66 -13.10
N PRO E 136 -34.37 6.23 -14.21
CA PRO E 136 -33.55 7.22 -14.93
C PRO E 136 -33.49 8.51 -14.14
N PRO E 137 -32.51 9.39 -14.44
CA PRO E 137 -32.42 10.67 -13.72
C PRO E 137 -33.62 11.55 -14.00
N GLY E 138 -34.29 11.99 -12.94
CA GLY E 138 -35.52 12.73 -13.04
C GLY E 138 -36.64 12.03 -12.30
N ALA E 139 -36.76 10.73 -12.49
CA ALA E 139 -37.76 9.96 -11.77
C ALA E 139 -37.23 9.59 -10.40
N GLY E 140 -38.11 9.61 -9.41
CA GLY E 140 -37.71 9.34 -8.05
C GLY E 140 -37.46 7.87 -7.81
N VAL E 141 -37.01 7.57 -6.60
CA VAL E 141 -36.91 6.16 -6.18
C VAL E 141 -38.32 5.60 -6.03
N PRO E 142 -38.61 4.43 -6.63
CA PRO E 142 -39.96 3.88 -6.50
C PRO E 142 -40.20 3.37 -5.10
N LYS E 143 -41.35 3.73 -4.54
CA LYS E 143 -41.69 3.40 -3.17
C LYS E 143 -42.51 2.13 -3.06
N ASN E 144 -42.68 1.40 -4.16
CA ASN E 144 -43.49 0.20 -4.14
C ASN E 144 -43.02 -0.73 -5.24
N ARG E 145 -43.47 -1.99 -5.17
CA ARG E 145 -43.15 -2.93 -6.24
C ARG E 145 -43.91 -2.61 -7.50
N LYS E 146 -45.10 -2.02 -7.38
CA LYS E 146 -45.96 -1.86 -8.54
C LYS E 146 -45.48 -0.74 -9.45
N ASP E 147 -45.11 0.40 -8.87
CA ASP E 147 -44.61 1.47 -9.73
C ASP E 147 -43.16 1.25 -10.13
N ALA E 148 -42.43 0.38 -9.44
CA ALA E 148 -41.14 -0.06 -9.94
C ALA E 148 -41.28 -1.00 -11.12
N MET E 149 -42.44 -1.66 -11.24
CA MET E 149 -42.69 -2.52 -12.37
C MET E 149 -42.89 -1.74 -13.64
N LEU E 150 -43.52 -0.57 -13.56
CA LEU E 150 -43.89 0.18 -14.75
C LEU E 150 -42.72 0.87 -15.42
N GLY E 151 -41.57 0.94 -14.77
CA GLY E 151 -40.36 1.46 -15.38
C GLY E 151 -39.59 0.38 -16.11
N THR E 152 -38.33 0.64 -16.38
CA THR E 152 -37.47 -0.37 -16.97
C THR E 152 -37.07 -1.37 -15.91
N HIS E 153 -37.25 -2.65 -16.21
CA HIS E 153 -37.05 -3.68 -15.21
C HIS E 153 -36.76 -4.99 -15.91
N VAL E 154 -36.11 -5.90 -15.18
CA VAL E 154 -35.87 -7.26 -15.63
C VAL E 154 -36.37 -8.21 -14.55
N ILE E 155 -37.23 -9.15 -14.91
CA ILE E 155 -37.69 -10.14 -13.94
C ILE E 155 -36.67 -11.28 -13.93
N TRP E 156 -36.07 -11.50 -12.78
CA TRP E 156 -34.95 -12.43 -12.66
C TRP E 156 -35.44 -13.68 -11.96
N ASP E 157 -35.62 -14.75 -12.73
CA ASP E 157 -35.98 -16.05 -12.17
C ASP E 157 -34.69 -16.76 -11.78
N VAL E 158 -34.57 -17.11 -10.51
CA VAL E 158 -33.34 -17.67 -9.99
C VAL E 158 -33.19 -19.13 -10.43
N GLY E 159 -34.27 -19.90 -10.43
CA GLY E 159 -34.19 -21.31 -10.73
C GLY E 159 -33.87 -21.64 -12.17
N LEU E 160 -33.94 -20.66 -13.07
CA LEU E 160 -33.64 -20.88 -14.47
C LEU E 160 -32.19 -20.52 -14.78
N GLN E 161 -31.76 -19.34 -14.36
CA GLN E 161 -30.38 -18.91 -14.55
C GLN E 161 -29.89 -18.23 -13.28
N SER E 162 -28.59 -18.25 -13.07
CA SER E 162 -27.99 -17.73 -11.85
C SER E 162 -27.22 -16.44 -12.05
N SER E 163 -27.51 -15.70 -13.12
CA SER E 163 -26.84 -14.43 -13.38
C SER E 163 -27.71 -13.60 -14.32
N CYS E 164 -27.97 -12.36 -13.91
CA CYS E 164 -28.77 -11.45 -14.73
C CYS E 164 -28.07 -10.11 -14.83
N VAL E 165 -27.91 -9.64 -16.07
CA VAL E 165 -27.13 -8.45 -16.38
C VAL E 165 -28.09 -7.30 -16.66
N LEU E 166 -27.77 -6.13 -16.12
CA LEU E 166 -28.58 -4.93 -16.29
C LEU E 166 -27.65 -3.79 -16.71
N CYS E 167 -27.66 -3.43 -17.98
CA CYS E 167 -26.78 -2.38 -18.47
C CYS E 167 -27.38 -1.01 -18.21
N VAL E 168 -26.53 -0.05 -17.90
CA VAL E 168 -26.97 1.23 -17.35
C VAL E 168 -25.95 2.33 -17.64
N PRO E 169 -26.38 3.49 -18.15
CA PRO E 169 -25.43 4.59 -18.36
C PRO E 169 -24.98 5.23 -17.06
N TRP E 170 -23.78 5.79 -17.10
CA TRP E 170 -23.19 6.46 -15.95
C TRP E 170 -22.40 7.65 -16.48
N ILE E 171 -22.61 8.82 -15.90
CA ILE E 171 -22.02 10.05 -16.41
C ILE E 171 -21.66 10.94 -15.23
N SER E 172 -20.73 11.86 -15.44
CA SER E 172 -20.28 12.74 -14.38
C SER E 172 -21.16 13.98 -14.28
N ALA E 186 -31.50 14.44 -9.39
CA ALA E 186 -31.27 13.01 -9.18
C ALA E 186 -30.36 12.49 -10.28
N ALA E 187 -29.79 11.30 -10.07
CA ALA E 187 -28.88 10.71 -11.03
C ALA E 187 -29.15 9.24 -11.32
N GLY E 188 -29.99 8.57 -10.53
CA GLY E 188 -30.37 7.20 -10.81
C GLY E 188 -30.41 6.35 -9.55
N TYR E 189 -31.06 5.20 -9.69
CA TYR E 189 -31.16 4.21 -8.64
C TYR E 189 -31.25 2.83 -9.27
N VAL E 190 -30.66 1.84 -8.61
CA VAL E 190 -30.59 0.48 -9.13
C VAL E 190 -31.26 -0.49 -8.16
N THR E 191 -32.41 -0.08 -7.61
CA THR E 191 -33.16 -0.85 -6.62
C THR E 191 -33.54 -2.25 -7.12
N CYS E 192 -33.86 -3.13 -6.17
CA CYS E 192 -34.21 -4.52 -6.45
C CYS E 192 -35.24 -5.01 -5.44
N TRP E 193 -36.25 -5.73 -5.93
CA TRP E 193 -37.46 -6.01 -5.17
C TRP E 193 -37.80 -7.49 -5.16
N TYR E 194 -38.36 -7.94 -4.04
CA TYR E 194 -38.92 -9.28 -3.94
C TYR E 194 -40.16 -9.39 -4.82
N GLN E 195 -40.13 -10.26 -5.82
CA GLN E 195 -41.34 -10.52 -6.58
C GLN E 195 -42.16 -11.63 -5.93
N THR E 196 -41.58 -12.81 -5.79
CA THR E 196 -42.17 -13.89 -5.03
C THR E 196 -41.26 -14.21 -3.86
N ASN E 197 -41.70 -15.11 -3.00
CA ASN E 197 -40.83 -15.54 -1.92
C ASN E 197 -39.82 -16.57 -2.41
N ILE E 198 -39.01 -17.05 -1.49
CA ILE E 198 -38.03 -18.09 -1.78
C ILE E 198 -38.64 -19.42 -1.35
N VAL E 199 -38.81 -20.33 -2.30
CA VAL E 199 -39.39 -21.63 -2.03
C VAL E 199 -38.26 -22.63 -1.92
N VAL E 200 -38.22 -23.38 -0.82
CA VAL E 200 -37.10 -24.26 -0.53
C VAL E 200 -37.63 -25.60 -0.04
N PRO E 201 -36.92 -26.68 -0.34
CA PRO E 201 -37.31 -27.98 0.20
C PRO E 201 -36.98 -28.15 1.67
N ALA E 202 -37.21 -29.34 2.21
CA ALA E 202 -36.83 -29.62 3.58
C ALA E 202 -35.35 -29.94 3.66
N ASP E 203 -34.77 -29.69 4.84
CA ASP E 203 -33.35 -29.91 5.15
C ASP E 203 -32.43 -29.10 4.25
N VAL E 204 -32.91 -27.95 3.77
CA VAL E 204 -32.11 -26.99 3.01
C VAL E 204 -32.29 -25.63 3.67
N GLN E 205 -31.20 -24.92 3.88
CA GLN E 205 -31.26 -23.62 4.54
C GLN E 205 -31.86 -22.58 3.61
N SER E 206 -32.52 -21.59 4.22
CA SER E 206 -33.23 -20.58 3.45
C SER E 206 -32.55 -19.23 3.41
N SER E 207 -31.44 -19.06 4.12
CA SER E 207 -30.72 -17.80 4.13
C SER E 207 -29.60 -17.87 3.09
N CYS E 208 -29.79 -17.20 1.97
CA CYS E 208 -28.87 -17.21 0.85
C CYS E 208 -28.25 -15.83 0.67
N ASP E 209 -27.31 -15.72 -0.27
CA ASP E 209 -26.59 -14.47 -0.52
C ASP E 209 -26.63 -14.12 -2.00
N ILE E 210 -26.27 -12.88 -2.33
CA ILE E 210 -26.22 -12.38 -3.70
C ILE E 210 -24.98 -11.51 -3.82
N LEU E 211 -24.15 -11.75 -4.84
CA LEU E 211 -23.00 -10.92 -5.14
C LEU E 211 -23.28 -10.04 -6.35
N CYS E 212 -22.43 -9.04 -6.56
CA CYS E 212 -22.65 -8.05 -7.60
C CYS E 212 -21.33 -7.59 -8.19
N PHE E 213 -21.16 -7.78 -9.50
CA PHE E 213 -19.96 -7.36 -10.20
C PHE E 213 -20.25 -6.14 -11.06
N VAL E 214 -19.20 -5.38 -11.36
CA VAL E 214 -19.33 -4.16 -12.16
C VAL E 214 -18.21 -4.15 -13.20
N SER E 215 -18.49 -3.54 -14.35
CA SER E 215 -17.52 -3.45 -15.43
C SER E 215 -17.90 -2.27 -16.30
N ALA E 216 -17.16 -2.07 -17.39
CA ALA E 216 -17.49 -1.06 -18.38
C ALA E 216 -17.88 -1.78 -19.66
N CYS E 217 -19.07 -1.49 -20.17
CA CYS E 217 -19.56 -2.25 -21.32
C CYS E 217 -18.90 -1.79 -22.61
N ASN E 218 -19.11 -0.55 -23.00
CA ASN E 218 -18.46 0.00 -24.17
C ASN E 218 -17.18 0.69 -23.73
N ASP E 219 -16.52 1.36 -24.67
CA ASP E 219 -15.35 2.15 -24.32
C ASP E 219 -15.81 3.46 -23.68
N PHE E 220 -15.13 3.88 -22.62
CA PHE E 220 -15.46 5.16 -21.99
C PHE E 220 -14.86 6.31 -22.79
N SER E 221 -14.92 7.49 -22.20
CA SER E 221 -14.32 8.69 -22.79
C SER E 221 -13.84 9.55 -21.63
N VAL E 222 -12.55 9.49 -21.36
CA VAL E 222 -11.96 10.20 -20.24
C VAL E 222 -11.14 11.38 -20.75
N ARG E 223 -11.23 12.50 -20.04
CA ARG E 223 -10.48 13.69 -20.40
C ARG E 223 -9.98 14.38 -19.14
N MET E 224 -8.92 15.17 -19.30
CA MET E 224 -8.36 16.05 -18.26
C MET E 224 -7.92 15.27 -17.02
N LEU E 225 -6.81 14.54 -17.20
CA LEU E 225 -6.21 13.77 -16.11
C LEU E 225 -5.79 14.67 -14.94
N LYS E 226 -6.04 14.19 -13.73
CA LYS E 226 -5.67 14.89 -12.51
C LYS E 226 -5.17 13.85 -11.52
N ASP E 227 -5.05 14.24 -10.26
CA ASP E 227 -4.60 13.32 -9.23
C ASP E 227 -5.77 12.85 -8.37
N THR E 228 -5.60 11.69 -7.79
CA THR E 228 -6.61 11.05 -6.97
C THR E 228 -6.63 11.64 -5.57
N PRO E 229 -7.80 11.66 -4.91
CA PRO E 229 -7.85 12.09 -3.51
C PRO E 229 -7.61 10.99 -2.51
N PHE E 230 -7.42 9.75 -2.95
CA PHE E 230 -7.40 8.61 -2.05
C PHE E 230 -6.04 8.37 -1.40
N ILE E 231 -4.99 9.05 -1.83
CA ILE E 231 -3.66 8.83 -1.28
C ILE E 231 -3.01 10.18 -1.00
N ARG E 232 -2.42 10.33 0.18
CA ARG E 232 -1.83 11.60 0.55
C ARG E 232 -0.62 11.34 1.44
N GLN E 233 0.06 12.41 1.80
CA GLN E 233 1.38 12.29 2.40
C GLN E 233 1.74 13.56 3.16
N ASP E 234 2.36 13.40 4.33
CA ASP E 234 2.94 14.53 5.05
C ASP E 234 4.45 14.52 5.04
N THR E 235 5.06 13.39 5.34
CA THR E 235 6.51 13.28 5.45
C THR E 235 6.99 12.29 4.40
N PHE E 236 8.26 12.38 4.01
CA PHE E 236 8.81 11.43 3.06
C PHE E 236 8.92 10.04 3.67
N TYR E 237 8.61 9.03 2.88
CA TYR E 237 8.85 7.67 3.32
C TYR E 237 10.34 7.38 3.24
N GLN E 238 10.89 6.86 4.31
CA GLN E 238 12.34 6.64 4.41
C GLN E 238 12.67 5.32 5.09
#